data_3QSA
#
_entry.id   3QSA
#
_cell.length_a   79.072
_cell.length_b   91.459
_cell.length_c   120.501
_cell.angle_alpha   90.00
_cell.angle_beta   90.00
_cell.angle_gamma   90.00
#
_symmetry.space_group_name_H-M   'P 21 21 21'
#
loop_
_entity.id
_entity.type
_entity.pdbx_description
1 polymer 'Anthranilate phosphoribosyltransferase'
2 non-polymer 1-O-pyrophosphono-5-O-phosphono-alpha-D-ribofuranose
3 non-polymer 'MAGNESIUM ION'
4 non-polymer 4,4,4-trifluoro-1-(4-methoxyphenyl)butane-1,3-dione
5 water water
#
_entity_poly.entity_id   1
_entity_poly.type   'polypeptide(L)'
_entity_poly.pdbx_seq_one_letter_code
;ALSAEGSSGGSRGGSPKAEAASVPSWPQILGRLTDNRDLARGQAAWAMDQIMTGNARPAQIAAFAVAMTMKAPTADEVGE
LAGVMLSHAHPLPADTVPDDAVDVVGTGGDGVNTVNLSTMAAIVVAAAGVPVVKHGNRAASSLSGGADTLEALGVRIDLG
PDLVARSLAEVGIGFCFAPRFHPSYRHAAAVRREIGVPTVFNLLGPLTNPARPRAGLIGCAFADLAEVMAGVFAARRSSV
LVVHGDDGLDELTTTTTSTIWRVAAGSVDKLTFDPAGFGFARAQLDQLAGGDAQANAAAVRAVLGGARGPVRDAVVLNAA
GAIVAHAGLSSRAEWLPAWEEGLRRASAAIDTGAAEQLLARWVRFGRQILEHHHHHH
;
_entity_poly.pdbx_strand_id   A,B
#
loop_
_chem_comp.id
_chem_comp.type
_chem_comp.name
_chem_comp.formula
MG non-polymer 'MAGNESIUM ION' 'Mg 2'
PRP D-saccharide 1-O-pyrophosphono-5-O-phosphono-alpha-D-ribofuranose 'C5 H13 O14 P3'
TA7 non-polymer 4,4,4-trifluoro-1-(4-methoxyphenyl)butane-1,3-dione 'C11 H9 F3 O3'
#
# COMPACT_ATOMS: atom_id res chain seq x y z
N PRO A 24 -5.91 -1.54 -19.34
CA PRO A 24 -5.75 -1.38 -17.88
C PRO A 24 -5.24 -2.66 -17.24
N SER A 25 -4.36 -2.51 -16.26
CA SER A 25 -3.89 -3.64 -15.48
C SER A 25 -3.40 -3.16 -14.14
N TRP A 26 -3.24 -4.12 -13.22
CA TRP A 26 -2.79 -3.83 -11.89
C TRP A 26 -1.45 -3.12 -11.89
N PRO A 27 -0.45 -3.65 -12.64
CA PRO A 27 0.86 -2.98 -12.67
C PRO A 27 0.78 -1.53 -13.15
N GLN A 28 -0.04 -1.26 -14.15
CA GLN A 28 -0.21 0.08 -14.67
C GLN A 28 -0.86 0.97 -13.59
N ILE A 29 -1.99 0.52 -13.08
CA ILE A 29 -2.71 1.28 -12.09
C ILE A 29 -1.96 1.50 -10.77
N LEU A 30 -1.41 0.43 -10.19
CA LEU A 30 -0.64 0.55 -8.93
C LEU A 30 0.60 1.39 -9.13
N GLY A 31 1.24 1.22 -10.29
CA GLY A 31 2.44 1.99 -10.64
C GLY A 31 2.16 3.46 -10.72
N ARG A 32 0.97 3.81 -11.22
CA ARG A 32 0.59 5.21 -11.32
C ARG A 32 0.35 5.80 -9.91
N LEU A 33 -0.35 5.05 -9.07
CA LEU A 33 -0.58 5.47 -7.67
C LEU A 33 0.70 5.57 -6.85
N THR A 34 1.61 4.59 -6.96
CA THR A 34 2.85 4.61 -6.16
C THR A 34 3.76 5.72 -6.64
N ASP A 35 3.49 6.21 -7.84
CA ASP A 35 4.20 7.35 -8.38
C ASP A 35 3.48 8.63 -7.99
N ASN A 36 2.42 8.55 -7.18
CA ASN A 36 1.74 9.76 -6.72
C ASN A 36 1.02 10.56 -7.81
N ARG A 37 0.51 9.86 -8.80
CA ARG A 37 -0.25 10.48 -9.89
C ARG A 37 -1.71 10.12 -9.76
N ASP A 38 -2.59 11.08 -10.06
CA ASP A 38 -4.01 10.78 -10.19
C ASP A 38 -4.23 9.77 -11.30
N LEU A 39 -5.20 8.92 -11.14
CA LEU A 39 -5.54 7.94 -12.15
C LEU A 39 -6.19 8.62 -13.36
N ALA A 40 -6.07 7.99 -14.53
CA ALA A 40 -6.86 8.37 -15.70
C ALA A 40 -8.30 7.94 -15.47
N ARG A 41 -9.24 8.74 -15.98
CA ARG A 41 -10.67 8.39 -15.97
C ARG A 41 -10.86 6.92 -16.38
N GLY A 42 -11.68 6.18 -15.62
CA GLY A 42 -11.99 4.78 -15.90
C GLY A 42 -11.11 3.75 -15.20
N GLN A 43 -9.94 4.17 -14.72
CA GLN A 43 -9.00 3.24 -14.06
C GLN A 43 -9.47 2.81 -12.67
N ALA A 44 -9.91 3.76 -11.86
CA ALA A 44 -10.50 3.40 -10.59
C ALA A 44 -11.69 2.47 -10.83
N ALA A 45 -12.52 2.74 -11.85
CA ALA A 45 -13.71 1.91 -12.11
C ALA A 45 -13.32 0.49 -12.51
N TRP A 46 -12.34 0.40 -13.40
CA TRP A 46 -11.79 -0.91 -13.76
C TRP A 46 -11.35 -1.67 -12.52
N ALA A 47 -10.56 -1.01 -11.68
CA ALA A 47 -10.03 -1.62 -10.45
C ALA A 47 -11.14 -2.08 -9.52
N MET A 48 -12.09 -1.18 -9.30
CA MET A 48 -13.22 -1.54 -8.46
C MET A 48 -14.06 -2.69 -9.05
N ASP A 49 -14.25 -2.70 -10.37
CA ASP A 49 -14.94 -3.83 -10.99
C ASP A 49 -14.21 -5.18 -10.84
N GLN A 50 -12.89 -5.20 -11.05
CA GLN A 50 -12.10 -6.39 -10.76
C GLN A 50 -12.33 -6.89 -9.31
N ILE A 51 -12.30 -5.97 -8.36
CA ILE A 51 -12.54 -6.29 -6.94
C ILE A 51 -13.95 -6.81 -6.65
N MET A 52 -14.98 -6.19 -7.24
CA MET A 52 -16.38 -6.58 -7.01
C MET A 52 -16.77 -7.88 -7.71
N THR A 53 -15.99 -8.28 -8.73
CA THR A 53 -16.29 -9.53 -9.46
C THR A 53 -15.47 -10.73 -8.98
N GLY A 54 -14.73 -10.52 -7.89
CA GLY A 54 -13.86 -11.57 -7.33
C GLY A 54 -12.62 -11.89 -8.17
N ASN A 55 -12.27 -10.96 -9.05
CA ASN A 55 -11.16 -11.14 -9.97
C ASN A 55 -9.84 -10.59 -9.51
N ALA A 56 -9.86 -9.83 -8.42
CA ALA A 56 -8.62 -9.33 -7.87
C ALA A 56 -8.08 -10.30 -6.81
N ARG A 57 -6.78 -10.56 -6.84
CA ARG A 57 -6.12 -11.25 -5.74
C ARG A 57 -6.14 -10.33 -4.50
N PRO A 58 -6.32 -10.92 -3.28
CA PRO A 58 -6.26 -10.12 -2.04
C PRO A 58 -5.09 -9.17 -1.97
N ALA A 59 -3.91 -9.60 -2.41
CA ALA A 59 -2.74 -8.71 -2.43
C ALA A 59 -3.00 -7.49 -3.30
N GLN A 60 -3.74 -7.69 -4.39
CA GLN A 60 -4.00 -6.60 -5.35
C GLN A 60 -5.01 -5.60 -4.74
N ILE A 61 -6.05 -6.13 -4.12
CA ILE A 61 -7.04 -5.30 -3.43
C ILE A 61 -6.37 -4.36 -2.42
N ALA A 62 -5.56 -4.97 -1.57
CA ALA A 62 -4.84 -4.25 -0.53
C ALA A 62 -3.86 -3.26 -1.12
N ALA A 63 -3.10 -3.67 -2.14
CA ALA A 63 -2.12 -2.75 -2.71
C ALA A 63 -2.85 -1.50 -3.20
N PHE A 64 -3.96 -1.72 -3.88
CA PHE A 64 -4.76 -0.65 -4.44
C PHE A 64 -5.36 0.24 -3.36
N ALA A 65 -6.01 -0.37 -2.36
CA ALA A 65 -6.63 0.42 -1.28
C ALA A 65 -5.57 1.28 -0.62
N VAL A 66 -4.41 0.70 -0.33
CA VAL A 66 -3.36 1.45 0.37
C VAL A 66 -2.75 2.51 -0.55
N ALA A 67 -2.39 2.14 -1.78
CA ALA A 67 -1.77 3.12 -2.69
C ALA A 67 -2.70 4.32 -2.96
N MET A 68 -3.99 4.03 -3.13
CA MET A 68 -4.93 5.11 -3.37
C MET A 68 -5.04 6.08 -2.18
N THR A 69 -5.04 5.53 -0.97
CA THR A 69 -5.02 6.29 0.26
C THR A 69 -3.82 7.22 0.37
N MET A 70 -2.64 6.68 0.07
CA MET A 70 -1.42 7.42 0.29
C MET A 70 -1.14 8.47 -0.79
N LYS A 71 -1.63 8.19 -2.00
CA LYS A 71 -1.60 9.15 -3.09
C LYS A 71 -2.53 10.34 -2.73
N ALA A 72 -3.71 10.01 -2.21
CA ALA A 72 -4.79 10.96 -1.84
C ALA A 72 -5.82 10.91 -2.94
N PRO A 73 -6.89 10.13 -2.72
CA PRO A 73 -7.91 9.92 -3.72
C PRO A 73 -8.56 11.26 -4.04
N THR A 74 -8.98 11.45 -5.28
CA THR A 74 -9.74 12.64 -5.67
C THR A 74 -11.24 12.25 -5.69
N ALA A 75 -12.12 13.25 -5.70
CA ALA A 75 -13.58 12.99 -5.84
C ALA A 75 -13.95 12.11 -7.05
N ASP A 76 -13.35 12.42 -8.22
CA ASP A 76 -13.58 11.61 -9.44
C ASP A 76 -13.25 10.17 -9.24
N GLU A 77 -12.16 9.89 -8.55
CA GLU A 77 -11.76 8.50 -8.34
C GLU A 77 -12.70 7.80 -7.38
N VAL A 78 -13.10 8.49 -6.32
CA VAL A 78 -13.98 7.84 -5.33
C VAL A 78 -15.38 7.63 -5.93
N GLY A 79 -15.83 8.61 -6.73
CA GLY A 79 -17.11 8.46 -7.46
C GLY A 79 -17.12 7.22 -8.35
N GLU A 80 -15.99 6.94 -9.00
CA GLU A 80 -15.82 5.70 -9.75
C GLU A 80 -15.94 4.46 -8.85
N LEU A 81 -15.23 4.45 -7.72
CA LEU A 81 -15.33 3.31 -6.81
C LEU A 81 -16.76 3.10 -6.29
N ALA A 82 -17.37 4.17 -5.81
CA ALA A 82 -18.73 4.09 -5.26
C ALA A 82 -19.75 3.71 -6.34
N GLY A 83 -19.58 4.28 -7.52
CA GLY A 83 -20.49 4.04 -8.62
C GLY A 83 -20.46 2.62 -9.10
N VAL A 84 -19.26 2.06 -9.22
CA VAL A 84 -19.12 0.63 -9.58
C VAL A 84 -19.67 -0.21 -8.42
N MET A 85 -19.36 0.19 -7.20
CA MET A 85 -19.91 -0.53 -6.06
C MET A 85 -21.48 -0.52 -6.07
N LEU A 86 -22.08 0.63 -6.35
CA LEU A 86 -23.54 0.65 -6.48
C LEU A 86 -24.10 -0.24 -7.61
N SER A 87 -23.42 -0.28 -8.75
CA SER A 87 -23.89 -1.10 -9.87
C SER A 87 -24.07 -2.56 -9.49
N HIS A 88 -23.34 -3.03 -8.46
CA HIS A 88 -23.48 -4.42 -7.95
C HIS A 88 -24.39 -4.56 -6.70
N ALA A 89 -24.88 -3.46 -6.14
CA ALA A 89 -25.75 -3.53 -4.95
C ALA A 89 -27.13 -4.06 -5.30
N HIS A 90 -27.75 -4.77 -4.38
CA HIS A 90 -29.15 -5.07 -4.47
C HIS A 90 -29.89 -3.74 -4.35
N PRO A 91 -30.70 -3.38 -5.35
CA PRO A 91 -31.46 -2.16 -5.14
C PRO A 91 -32.73 -2.45 -4.33
N LEU A 92 -33.39 -1.39 -3.87
CA LEU A 92 -34.77 -1.49 -3.40
C LEU A 92 -35.73 -1.54 -4.60
N PRO A 93 -36.96 -2.08 -4.41
CA PRO A 93 -37.86 -2.07 -5.57
C PRO A 93 -38.20 -0.66 -6.07
N ALA A 94 -38.60 -0.57 -7.34
CA ALA A 94 -39.01 0.68 -8.00
C ALA A 94 -40.11 1.42 -7.22
N ASP A 95 -39.95 2.74 -7.09
CA ASP A 95 -40.97 3.61 -6.43
C ASP A 95 -41.33 3.18 -5.00
N THR A 96 -40.31 2.85 -4.20
CA THR A 96 -40.51 2.56 -2.78
C THR A 96 -39.69 3.51 -1.89
N VAL A 97 -38.78 4.27 -2.51
CA VAL A 97 -38.01 5.29 -1.81
C VAL A 97 -38.58 6.65 -2.21
N PRO A 98 -39.06 7.44 -1.23
CA PRO A 98 -39.53 8.78 -1.57
C PRO A 98 -38.37 9.64 -2.04
N ASP A 99 -38.65 10.61 -2.91
CA ASP A 99 -37.60 11.50 -3.42
C ASP A 99 -36.94 12.36 -2.34
N ASP A 100 -37.52 12.38 -1.14
CA ASP A 100 -36.96 13.22 -0.09
C ASP A 100 -36.40 12.41 1.12
N ALA A 101 -36.19 11.12 0.92
CA ALA A 101 -35.59 10.25 1.93
C ALA A 101 -34.19 10.76 2.32
N VAL A 102 -33.84 10.59 3.59
CA VAL A 102 -32.54 11.00 4.12
C VAL A 102 -31.85 9.83 4.77
N ASP A 103 -30.53 9.88 4.71
CA ASP A 103 -29.69 8.96 5.38
C ASP A 103 -29.00 9.72 6.48
N VAL A 104 -28.56 9.01 7.52
CA VAL A 104 -27.71 9.59 8.55
C VAL A 104 -26.62 8.55 8.86
N VAL A 105 -25.39 8.79 8.42
CA VAL A 105 -24.36 7.76 8.53
C VAL A 105 -22.96 8.35 8.35
N GLY A 106 -21.99 7.70 9.01
CA GLY A 106 -20.59 8.12 8.97
C GLY A 106 -19.61 7.07 8.50
N THR A 107 -18.36 7.49 8.34
CA THR A 107 -17.26 6.62 7.91
C THR A 107 -16.87 5.74 9.09
N GLY A 108 -17.14 6.25 10.29
CA GLY A 108 -16.67 5.62 11.52
C GLY A 108 -15.18 5.95 11.64
N GLY A 109 -14.48 5.14 12.42
CA GLY A 109 -13.04 5.28 12.57
C GLY A 109 -12.60 6.56 13.24
N ASP A 110 -13.47 7.17 14.04
CA ASP A 110 -13.07 8.39 14.72
C ASP A 110 -12.21 8.08 15.98
N GLY A 111 -12.07 6.77 16.27
CA GLY A 111 -11.21 6.25 17.33
C GLY A 111 -11.72 6.56 18.72
N VAL A 112 -12.90 7.15 18.78
CA VAL A 112 -13.36 7.81 19.99
C VAL A 112 -14.43 7.00 20.74
N ASN A 113 -14.90 5.90 20.15
CA ASN A 113 -15.79 4.99 20.89
C ASN A 113 -17.01 5.68 21.55
N THR A 114 -17.78 6.43 20.77
CA THR A 114 -18.96 7.08 21.33
C THR A 114 -20.20 6.20 21.29
N VAL A 115 -21.24 6.69 21.96
CA VAL A 115 -22.61 6.27 21.79
C VAL A 115 -22.99 6.48 20.31
N ASN A 116 -23.92 5.68 19.81
CA ASN A 116 -24.27 5.69 18.38
C ASN A 116 -25.08 6.93 18.00
N LEU A 117 -24.37 8.03 17.82
CA LEU A 117 -25.01 9.28 17.48
C LEU A 117 -25.82 9.23 16.19
N SER A 118 -25.30 8.56 15.16
CA SER A 118 -25.96 8.64 13.87
C SER A 118 -27.24 7.91 13.96
N THR A 119 -27.19 6.73 14.56
CA THR A 119 -28.35 5.87 14.71
C THR A 119 -29.50 6.51 15.51
N MET A 120 -29.18 7.15 16.62
CA MET A 120 -30.14 7.88 17.44
C MET A 120 -30.72 9.07 16.66
N ALA A 121 -29.88 9.91 16.08
CA ALA A 121 -30.37 10.97 15.19
C ALA A 121 -31.34 10.41 14.14
N ALA A 122 -30.99 9.31 13.48
CA ALA A 122 -31.87 8.74 12.46
C ALA A 122 -33.31 8.48 12.99
N ILE A 123 -33.43 7.89 14.18
CA ILE A 123 -34.74 7.64 14.78
C ILE A 123 -35.48 8.95 15.06
N VAL A 124 -34.77 9.96 15.54
CA VAL A 124 -35.40 11.22 15.89
C VAL A 124 -35.92 11.89 14.62
N VAL A 125 -35.10 11.85 13.57
CA VAL A 125 -35.46 12.40 12.28
C VAL A 125 -36.69 11.74 11.70
N ALA A 126 -36.70 10.41 11.66
CA ALA A 126 -37.90 9.69 11.25
C ALA A 126 -39.13 10.10 12.08
N ALA A 127 -38.95 10.23 13.40
CA ALA A 127 -40.07 10.59 14.30
C ALA A 127 -40.56 12.01 14.06
N ALA A 128 -39.73 12.83 13.41
CA ALA A 128 -40.11 14.19 13.08
C ALA A 128 -40.86 14.25 11.72
N GLY A 129 -41.06 13.11 11.08
CA GLY A 129 -41.89 13.05 9.87
C GLY A 129 -41.09 12.93 8.58
N VAL A 130 -39.76 12.91 8.69
CA VAL A 130 -38.84 12.82 7.51
C VAL A 130 -38.55 11.36 7.19
N PRO A 131 -38.75 10.93 5.94
CA PRO A 131 -38.48 9.50 5.66
C PRO A 131 -36.97 9.18 5.72
N VAL A 132 -36.66 8.06 6.36
CA VAL A 132 -35.28 7.73 6.63
C VAL A 132 -34.98 6.37 6.09
N VAL A 133 -33.95 6.31 5.26
CA VAL A 133 -33.42 5.01 4.91
C VAL A 133 -31.93 5.02 5.20
N LYS A 134 -31.62 4.35 6.31
CA LYS A 134 -30.33 4.40 6.90
C LYS A 134 -29.47 3.27 6.38
N HIS A 135 -28.26 3.61 5.98
CA HIS A 135 -27.25 2.60 5.63
C HIS A 135 -26.48 2.48 6.91
N GLY A 136 -26.03 1.26 7.20
CA GLY A 136 -25.27 1.00 8.38
C GLY A 136 -24.62 -0.36 8.36
N ASN A 137 -23.80 -0.58 9.38
CA ASN A 137 -22.98 -1.77 9.47
C ASN A 137 -22.62 -2.04 10.94
N ARG A 138 -22.24 -3.27 11.25
CA ARG A 138 -21.57 -3.55 12.54
C ARG A 138 -20.33 -2.64 12.79
N ALA A 139 -19.89 -2.61 14.05
CA ALA A 139 -18.68 -1.89 14.43
C ALA A 139 -17.49 -2.43 13.65
N ALA A 140 -16.60 -1.54 13.25
CA ALA A 140 -15.39 -1.91 12.52
C ALA A 140 -14.20 -1.84 13.45
N SER A 141 -14.19 -0.82 14.30
CA SER A 141 -13.14 -0.65 15.30
C SER A 141 -13.56 -0.29 16.72
N SER A 142 -14.79 0.18 16.88
CA SER A 142 -15.34 0.51 18.19
C SER A 142 -15.90 -0.73 18.84
N LEU A 143 -16.58 -0.54 19.98
CA LEU A 143 -17.16 -1.64 20.70
C LEU A 143 -18.55 -1.95 20.17
N SER A 144 -19.28 -0.94 19.76
CA SER A 144 -20.61 -1.16 19.20
C SER A 144 -20.98 -0.17 18.11
N GLY A 145 -21.31 -0.73 16.95
CA GLY A 145 -21.64 0.08 15.79
C GLY A 145 -23.14 0.19 15.69
N GLY A 146 -23.59 1.06 14.80
CA GLY A 146 -25.00 1.29 14.57
C GLY A 146 -25.85 0.05 14.50
N ALA A 147 -25.48 -0.90 13.62
CA ALA A 147 -26.25 -2.14 13.47
C ALA A 147 -26.30 -2.99 14.74
N ASP A 148 -25.21 -3.00 15.50
CA ASP A 148 -25.13 -3.78 16.74
C ASP A 148 -26.12 -3.25 17.79
N THR A 149 -26.11 -1.94 17.98
CA THR A 149 -27.04 -1.26 18.86
C THR A 149 -28.49 -1.49 18.43
N LEU A 150 -28.80 -1.29 17.13
CA LEU A 150 -30.15 -1.52 16.61
C LEU A 150 -30.62 -2.92 16.95
N GLU A 151 -29.74 -3.88 16.71
CA GLU A 151 -30.03 -5.28 16.93
C GLU A 151 -30.32 -5.55 18.41
N ALA A 152 -29.56 -4.89 19.27
CA ALA A 152 -29.71 -5.00 20.73
C ALA A 152 -31.00 -4.31 21.23
N LEU A 153 -31.53 -3.42 20.40
CA LEU A 153 -32.81 -2.74 20.65
C LEU A 153 -33.98 -3.60 20.15
N GLY A 154 -33.68 -4.65 19.41
CA GLY A 154 -34.71 -5.54 18.90
C GLY A 154 -35.20 -5.15 17.51
N VAL A 155 -34.52 -4.18 16.90
CA VAL A 155 -34.83 -3.78 15.52
C VAL A 155 -34.24 -4.86 14.61
N ARG A 156 -34.98 -5.26 13.58
CA ARG A 156 -34.52 -6.25 12.60
C ARG A 156 -33.50 -5.61 11.69
N ILE A 157 -32.25 -6.03 11.74
CA ILE A 157 -31.24 -5.45 10.84
C ILE A 157 -31.07 -6.22 9.52
N ASP A 158 -31.39 -7.50 9.53
CA ASP A 158 -31.20 -8.47 8.43
C ASP A 158 -32.26 -8.47 7.32
N LEU A 159 -32.96 -7.37 7.09
CA LEU A 159 -34.04 -7.39 6.10
C LEU A 159 -33.53 -7.10 4.70
N GLY A 160 -34.18 -7.74 3.72
CA GLY A 160 -33.88 -7.53 2.31
C GLY A 160 -34.59 -6.35 1.68
N PRO A 161 -34.41 -6.15 0.36
CA PRO A 161 -34.98 -5.00 -0.36
C PRO A 161 -36.48 -4.79 -0.13
N ASP A 162 -37.26 -5.86 -0.24
CA ASP A 162 -38.72 -5.73 -0.17
C ASP A 162 -39.16 -5.30 1.22
N LEU A 163 -38.65 -5.98 2.25
CA LEU A 163 -39.03 -5.66 3.63
C LEU A 163 -38.45 -4.33 4.10
N VAL A 164 -37.27 -3.95 3.61
CA VAL A 164 -36.80 -2.59 3.89
C VAL A 164 -37.81 -1.58 3.35
N ALA A 165 -38.29 -1.79 2.13
CA ALA A 165 -39.26 -0.86 1.53
C ALA A 165 -40.55 -0.83 2.35
N ARG A 166 -40.97 -1.99 2.85
CA ARG A 166 -42.19 -2.07 3.67
C ARG A 166 -41.98 -1.37 5.02
N SER A 167 -40.77 -1.51 5.58
CA SER A 167 -40.43 -0.84 6.83
C SER A 167 -40.59 0.67 6.59
N LEU A 168 -39.99 1.14 5.50
CA LEU A 168 -40.01 2.54 5.18
C LEU A 168 -41.45 3.06 5.02
N ALA A 169 -42.26 2.31 4.30
CA ALA A 169 -43.66 2.71 4.04
C ALA A 169 -44.51 2.64 5.30
N GLU A 170 -44.28 1.63 6.12
CA GLU A 170 -45.09 1.40 7.33
C GLU A 170 -44.61 2.09 8.63
N VAL A 171 -43.30 2.32 8.75
CA VAL A 171 -42.75 2.91 9.98
C VAL A 171 -42.15 4.29 9.74
N GLY A 172 -41.84 4.59 8.48
CA GLY A 172 -41.19 5.85 8.11
C GLY A 172 -39.67 5.75 8.24
N ILE A 173 -39.17 4.54 8.54
CA ILE A 173 -37.73 4.29 8.62
C ILE A 173 -37.33 2.89 8.12
N GLY A 174 -36.17 2.80 7.49
CA GLY A 174 -35.69 1.57 6.96
C GLY A 174 -34.21 1.46 7.23
N PHE A 175 -33.73 0.24 7.37
CA PHE A 175 -32.33 -0.02 7.59
C PHE A 175 -31.81 -1.00 6.59
N CYS A 176 -30.82 -0.52 5.82
CA CYS A 176 -30.10 -1.32 4.87
C CYS A 176 -28.81 -1.81 5.53
N PHE A 177 -28.77 -3.08 5.90
CA PHE A 177 -27.57 -3.64 6.49
C PHE A 177 -26.58 -3.88 5.35
N ALA A 178 -25.49 -3.14 5.38
CA ALA A 178 -24.55 -3.08 4.25
C ALA A 178 -24.13 -4.48 3.76
N PRO A 179 -23.81 -5.42 4.69
CA PRO A 179 -23.47 -6.75 4.18
C PRO A 179 -24.56 -7.50 3.43
N ARG A 180 -25.83 -7.21 3.71
CA ARG A 180 -26.95 -7.79 2.96
C ARG A 180 -27.10 -7.19 1.55
N PHE A 181 -26.83 -5.89 1.41
CA PHE A 181 -27.10 -5.20 0.14
C PHE A 181 -25.94 -5.16 -0.85
N HIS A 182 -24.73 -5.42 -0.31
CA HIS A 182 -23.48 -5.35 -1.03
C HIS A 182 -22.70 -6.67 -0.93
N PRO A 183 -23.33 -7.79 -1.29
CA PRO A 183 -22.63 -9.07 -1.15
C PRO A 183 -21.31 -9.16 -1.95
N SER A 184 -21.26 -8.55 -3.13
CA SER A 184 -20.07 -8.64 -3.96
C SER A 184 -18.89 -7.87 -3.39
N TYR A 185 -19.14 -7.10 -2.34
CA TYR A 185 -18.08 -6.33 -1.70
C TYR A 185 -17.31 -7.22 -0.72
N ARG A 186 -17.69 -8.50 -0.58
CA ARG A 186 -17.08 -9.36 0.44
C ARG A 186 -15.53 -9.38 0.36
N HIS A 187 -14.97 -9.33 -0.84
CA HIS A 187 -13.51 -9.40 -1.01
C HIS A 187 -12.82 -8.16 -0.48
N ALA A 188 -13.36 -6.99 -0.79
CA ALA A 188 -12.82 -5.75 -0.22
C ALA A 188 -12.99 -5.76 1.31
N ALA A 189 -14.13 -6.27 1.77
CA ALA A 189 -14.44 -6.15 3.21
C ALA A 189 -13.50 -7.02 4.01
N ALA A 190 -13.17 -8.20 3.46
CA ALA A 190 -12.20 -9.11 4.09
C ALA A 190 -10.81 -8.50 4.13
N VAL A 191 -10.36 -7.95 3.01
CA VAL A 191 -9.08 -7.23 2.98
C VAL A 191 -9.08 -6.07 3.98
N ARG A 192 -10.10 -5.22 3.96
CA ARG A 192 -10.22 -4.12 4.95
C ARG A 192 -9.94 -4.60 6.40
N ARG A 193 -10.49 -5.78 6.70
CA ARG A 193 -10.46 -6.38 8.03
C ARG A 193 -9.05 -6.91 8.34
N GLU A 194 -8.47 -7.62 7.36
CA GLU A 194 -7.11 -8.16 7.47
C GLU A 194 -6.05 -7.06 7.69
N ILE A 195 -6.20 -5.89 7.06
CA ILE A 195 -5.15 -4.88 7.15
C ILE A 195 -5.34 -3.90 8.29
N GLY A 196 -6.60 -3.71 8.70
CA GLY A 196 -6.93 -2.89 9.86
C GLY A 196 -6.81 -1.40 9.60
N VAL A 197 -5.69 -0.95 9.04
CA VAL A 197 -5.49 0.47 8.75
C VAL A 197 -6.67 1.00 7.91
N PRO A 198 -7.22 2.18 8.27
CA PRO A 198 -8.23 2.83 7.43
C PRO A 198 -7.68 3.16 6.04
N THR A 199 -8.49 2.93 5.02
CA THR A 199 -8.14 3.30 3.64
C THR A 199 -9.29 4.03 2.92
N VAL A 200 -9.13 4.22 1.62
CA VAL A 200 -10.18 4.76 0.75
C VAL A 200 -11.47 3.94 0.86
N PHE A 201 -11.34 2.65 1.15
CA PHE A 201 -12.51 1.79 1.31
C PHE A 201 -13.42 2.28 2.44
N ASN A 202 -12.82 2.85 3.50
CA ASN A 202 -13.57 3.36 4.63
C ASN A 202 -14.55 4.47 4.27
N LEU A 203 -14.34 5.13 3.12
CA LEU A 203 -15.24 6.15 2.65
C LEU A 203 -16.50 5.60 2.00
N LEU A 204 -16.45 4.33 1.58
CA LEU A 204 -17.41 3.85 0.57
C LEU A 204 -18.82 3.56 1.12
N GLY A 205 -18.87 2.97 2.31
CA GLY A 205 -20.13 2.70 3.00
C GLY A 205 -21.12 3.85 2.94
N PRO A 206 -20.75 4.99 3.53
CA PRO A 206 -21.58 6.17 3.47
C PRO A 206 -21.94 6.61 2.04
N LEU A 207 -21.11 6.28 1.05
CA LEU A 207 -21.40 6.74 -0.30
C LEU A 207 -22.21 5.74 -1.09
N THR A 208 -22.48 4.58 -0.53
CA THR A 208 -23.11 3.55 -1.32
C THR A 208 -24.39 3.01 -0.71
N ASN A 209 -25.14 3.86 -0.04
CA ASN A 209 -26.47 3.49 0.41
C ASN A 209 -27.24 2.92 -0.78
N PRO A 210 -27.66 1.67 -0.69
CA PRO A 210 -28.32 0.97 -1.78
C PRO A 210 -29.67 1.55 -2.19
N ALA A 211 -30.33 2.29 -1.30
CA ALA A 211 -31.60 2.90 -1.63
C ALA A 211 -31.41 4.27 -2.28
N ARG A 212 -30.15 4.71 -2.34
CA ARG A 212 -29.81 6.00 -2.98
C ARG A 212 -30.67 7.19 -2.50
N PRO A 213 -30.81 7.37 -1.17
CA PRO A 213 -31.59 8.56 -0.85
C PRO A 213 -30.83 9.79 -1.35
N ARG A 214 -31.56 10.86 -1.65
CA ARG A 214 -31.00 12.13 -2.20
C ARG A 214 -30.54 13.10 -1.13
N ALA A 215 -30.86 12.83 0.13
CA ALA A 215 -30.37 13.68 1.22
C ALA A 215 -29.66 12.88 2.29
N GLY A 216 -28.80 13.54 3.04
CA GLY A 216 -28.12 12.87 4.13
C GLY A 216 -27.31 13.81 4.98
N LEU A 217 -27.07 13.38 6.21
CA LEU A 217 -26.04 13.93 7.07
C LEU A 217 -24.96 12.84 7.11
N ILE A 218 -23.81 13.13 6.51
CA ILE A 218 -22.74 12.16 6.31
C ILE A 218 -21.47 12.55 7.08
N GLY A 219 -21.09 11.72 8.03
CA GLY A 219 -19.93 12.01 8.86
C GLY A 219 -18.65 11.41 8.29
N CYS A 220 -17.58 12.19 8.37
CA CYS A 220 -16.29 11.74 7.93
C CYS A 220 -15.26 11.97 9.02
N ALA A 221 -14.64 10.89 9.50
CA ALA A 221 -13.61 10.97 10.52
C ALA A 221 -12.31 11.62 10.05
N PHE A 222 -12.10 11.65 8.73
CA PHE A 222 -10.79 11.98 8.16
C PHE A 222 -10.86 13.35 7.53
N ALA A 223 -10.31 14.32 8.27
CA ALA A 223 -10.39 15.71 7.89
C ALA A 223 -10.08 15.93 6.41
N ASP A 224 -9.06 15.23 5.90
CA ASP A 224 -8.60 15.37 4.52
C ASP A 224 -9.61 14.84 3.48
N LEU A 225 -10.39 13.82 3.85
CA LEU A 225 -11.22 13.13 2.85
C LEU A 225 -12.68 13.58 2.77
N ALA A 226 -13.10 14.45 3.68
CA ALA A 226 -14.49 14.88 3.73
C ALA A 226 -14.86 15.74 2.50
N GLU A 227 -13.90 16.51 2.01
CA GLU A 227 -14.12 17.34 0.84
C GLU A 227 -14.35 16.45 -0.37
N VAL A 228 -13.55 15.40 -0.42
CA VAL A 228 -13.66 14.36 -1.44
C VAL A 228 -15.04 13.72 -1.40
N MET A 229 -15.52 13.38 -0.21
CA MET A 229 -16.86 12.78 -0.12
C MET A 229 -17.91 13.76 -0.58
N ALA A 230 -17.74 15.02 -0.21
CA ALA A 230 -18.65 16.07 -0.65
C ALA A 230 -18.65 16.17 -2.17
N GLY A 231 -17.46 16.10 -2.75
CA GLY A 231 -17.30 16.11 -4.19
C GLY A 231 -18.09 15.00 -4.83
N VAL A 232 -18.01 13.79 -4.27
CA VAL A 232 -18.81 12.67 -4.81
C VAL A 232 -20.32 12.99 -4.73
N PHE A 233 -20.79 13.47 -3.58
CA PHE A 233 -22.21 13.84 -3.47
C PHE A 233 -22.57 14.95 -4.44
N ALA A 234 -21.66 15.90 -4.65
CA ALA A 234 -21.90 17.01 -5.56
C ALA A 234 -22.22 16.54 -6.97
N ALA A 235 -21.63 15.43 -7.39
CA ALA A 235 -21.87 14.92 -8.73
C ALA A 235 -23.22 14.24 -8.87
N ARG A 236 -23.88 14.05 -7.73
CA ARG A 236 -25.18 13.40 -7.68
C ARG A 236 -26.21 14.52 -7.47
N ARG A 237 -27.47 14.19 -7.61
CA ARG A 237 -28.50 15.19 -7.34
C ARG A 237 -28.77 15.29 -5.82
N SER A 238 -27.78 15.65 -5.02
CA SER A 238 -27.94 15.47 -3.59
C SER A 238 -28.11 16.76 -2.84
N SER A 239 -28.75 16.71 -1.68
CA SER A 239 -28.61 17.74 -0.68
C SER A 239 -27.99 17.05 0.51
N VAL A 240 -26.73 17.36 0.77
CA VAL A 240 -26.00 16.64 1.81
C VAL A 240 -25.21 17.59 2.68
N LEU A 241 -25.14 17.29 3.98
CA LEU A 241 -24.12 17.92 4.80
C LEU A 241 -23.07 16.86 5.07
N VAL A 242 -21.85 17.09 4.59
CA VAL A 242 -20.72 16.26 4.97
C VAL A 242 -20.11 16.96 6.17
N VAL A 243 -20.02 16.25 7.27
CA VAL A 243 -19.56 16.90 8.49
C VAL A 243 -18.37 16.20 9.09
N HIS A 244 -17.51 17.02 9.68
CA HIS A 244 -16.38 16.56 10.45
C HIS A 244 -16.23 17.45 11.70
N GLY A 245 -16.40 16.88 12.88
CA GLY A 245 -16.13 17.62 14.11
C GLY A 245 -14.66 18.02 14.16
N ASP A 246 -14.37 19.21 14.67
CA ASP A 246 -13.00 19.70 14.71
C ASP A 246 -12.21 19.04 15.85
N ASP A 247 -12.87 18.10 16.53
CA ASP A 247 -12.28 17.23 17.54
C ASP A 247 -12.11 15.79 16.99
N GLY A 248 -12.53 15.58 15.75
CA GLY A 248 -12.31 14.31 15.08
C GLY A 248 -13.50 13.40 14.90
N LEU A 249 -14.65 13.73 15.52
CA LEU A 249 -15.88 12.92 15.35
C LEU A 249 -16.33 12.92 13.90
N ASP A 250 -16.82 11.78 13.44
CA ASP A 250 -17.55 11.72 12.17
C ASP A 250 -19.04 12.02 12.46
N GLU A 251 -19.28 13.11 13.19
CA GLU A 251 -20.62 13.56 13.57
C GLU A 251 -20.50 15.05 13.79
N LEU A 252 -21.63 15.75 13.78
CA LEU A 252 -21.64 17.09 14.34
C LEU A 252 -21.33 16.99 15.84
N THR A 253 -20.25 17.61 16.24
CA THR A 253 -19.83 17.51 17.64
C THR A 253 -20.38 18.65 18.50
N THR A 254 -20.45 18.38 19.79
CA THR A 254 -20.83 19.37 20.78
C THR A 254 -19.64 19.89 21.62
N THR A 255 -18.44 19.32 21.41
CA THR A 255 -17.24 19.69 22.18
C THR A 255 -16.50 20.89 21.59
N THR A 256 -16.81 21.24 20.35
CA THR A 256 -16.16 22.37 19.67
C THR A 256 -16.87 22.63 18.32
N THR A 257 -16.31 23.50 17.48
CA THR A 257 -16.81 23.68 16.12
C THR A 257 -16.78 22.37 15.31
N SER A 258 -17.48 22.38 14.18
CA SER A 258 -17.40 21.36 13.17
C SER A 258 -17.14 22.02 11.82
N THR A 259 -16.56 21.26 10.90
CA THR A 259 -16.50 21.72 9.52
C THR A 259 -17.61 21.03 8.76
N ILE A 260 -18.35 21.82 8.00
CA ILE A 260 -19.44 21.24 7.24
C ILE A 260 -19.20 21.57 5.78
N TRP A 261 -19.33 20.57 4.92
CA TRP A 261 -19.34 20.79 3.50
C TRP A 261 -20.76 20.66 3.04
N ARG A 262 -21.39 21.79 2.77
CA ARG A 262 -22.76 21.79 2.31
C ARG A 262 -22.78 21.51 0.82
N VAL A 263 -23.46 20.43 0.42
CA VAL A 263 -23.59 20.02 -0.98
C VAL A 263 -25.04 20.18 -1.45
N ALA A 264 -25.26 20.98 -2.48
CA ALA A 264 -26.56 21.16 -3.11
C ALA A 264 -26.37 21.66 -4.54
N ALA A 265 -27.23 21.21 -5.44
CA ALA A 265 -27.24 21.75 -6.80
C ALA A 265 -25.92 21.53 -7.54
N GLY A 266 -25.20 20.45 -7.21
CA GLY A 266 -23.93 20.21 -7.86
C GLY A 266 -22.76 21.03 -7.34
N SER A 267 -22.98 21.85 -6.32
CA SER A 267 -21.86 22.54 -5.70
C SER A 267 -21.65 22.32 -4.19
N VAL A 268 -20.54 22.87 -3.72
CA VAL A 268 -20.10 22.68 -2.35
C VAL A 268 -19.86 24.05 -1.72
N ASP A 269 -20.39 24.22 -0.51
CA ASP A 269 -20.17 25.41 0.30
C ASP A 269 -19.53 24.91 1.60
N LYS A 270 -18.22 25.17 1.76
CA LYS A 270 -17.51 24.82 2.99
C LYS A 270 -17.73 25.91 4.04
N LEU A 271 -17.98 25.50 5.27
CA LEU A 271 -18.18 26.46 6.34
C LEU A 271 -17.80 25.85 7.67
N THR A 272 -17.49 26.73 8.62
CA THR A 272 -17.27 26.38 10.01
C THR A 272 -18.58 26.58 10.76
N PHE A 273 -18.99 25.53 11.48
CA PHE A 273 -20.27 25.48 12.20
C PHE A 273 -19.96 25.49 13.69
N ASP A 274 -20.60 26.41 14.43
CA ASP A 274 -20.47 26.44 15.88
C ASP A 274 -21.84 26.29 16.56
N PRO A 275 -22.07 25.16 17.26
CA PRO A 275 -23.37 24.96 17.90
C PRO A 275 -23.65 25.94 19.07
N ALA A 276 -22.62 26.64 19.55
CA ALA A 276 -22.80 27.67 20.58
C ALA A 276 -23.72 28.78 20.08
N GLY A 277 -23.73 29.01 18.76
CA GLY A 277 -24.66 29.95 18.14
C GLY A 277 -26.12 29.58 18.34
N PHE A 278 -26.37 28.33 18.68
CA PHE A 278 -27.75 27.88 18.94
C PHE A 278 -28.01 27.64 20.43
N GLY A 279 -27.09 28.11 21.28
CA GLY A 279 -27.17 27.94 22.73
C GLY A 279 -26.72 26.60 23.27
N PHE A 280 -25.92 25.85 22.51
CA PHE A 280 -25.44 24.58 23.03
C PHE A 280 -24.21 24.78 23.92
N ALA A 281 -24.22 24.17 25.10
CA ALA A 281 -23.06 24.21 25.97
C ALA A 281 -22.01 23.29 25.37
N ARG A 282 -20.73 23.70 25.48
CA ARG A 282 -19.59 22.85 25.14
C ARG A 282 -19.55 21.59 25.99
N ALA A 283 -19.50 20.43 25.37
CA ALA A 283 -19.26 19.20 26.11
C ALA A 283 -17.80 18.76 26.03
N GLN A 284 -17.49 17.70 26.77
CA GLN A 284 -16.21 17.03 26.73
C GLN A 284 -16.47 15.70 26.06
N LEU A 285 -15.52 15.24 25.23
CA LEU A 285 -15.68 13.94 24.56
C LEU A 285 -16.12 12.79 25.47
N ASP A 286 -15.51 12.64 26.65
CA ASP A 286 -15.88 11.51 27.52
C ASP A 286 -17.34 11.49 27.97
N GLN A 287 -18.06 12.60 27.80
CA GLN A 287 -19.50 12.62 28.12
C GLN A 287 -20.35 11.95 27.03
N LEU A 288 -19.76 11.76 25.85
CA LEU A 288 -20.38 11.06 24.73
C LEU A 288 -19.96 9.58 24.62
N ALA A 289 -19.02 9.17 25.47
CA ALA A 289 -18.49 7.79 25.45
C ALA A 289 -19.59 6.75 25.64
N GLY A 290 -19.47 5.66 24.90
CA GLY A 290 -20.40 4.56 25.01
C GLY A 290 -19.71 3.30 25.51
N GLY A 291 -20.37 2.16 25.34
CA GLY A 291 -19.87 0.88 25.79
C GLY A 291 -20.24 -0.20 24.81
N ASP A 292 -20.58 -1.38 25.33
CA ASP A 292 -21.00 -2.46 24.45
C ASP A 292 -22.40 -2.21 23.90
N ALA A 293 -22.86 -3.10 23.02
CA ALA A 293 -24.19 -2.99 22.43
C ALA A 293 -25.32 -2.79 23.46
N GLN A 294 -25.34 -3.57 24.55
CA GLN A 294 -26.43 -3.41 25.53
C GLN A 294 -26.35 -2.02 26.16
N ALA A 295 -25.14 -1.58 26.43
CA ALA A 295 -24.90 -0.27 27.01
C ALA A 295 -25.31 0.85 26.05
N ASN A 296 -24.96 0.71 24.78
CA ASN A 296 -25.38 1.71 23.81
C ASN A 296 -26.88 1.66 23.50
N ALA A 297 -27.48 0.47 23.56
CA ALA A 297 -28.92 0.33 23.47
C ALA A 297 -29.62 1.02 24.65
N ALA A 298 -29.01 0.93 25.84
CA ALA A 298 -29.52 1.62 27.03
C ALA A 298 -29.45 3.12 26.86
N ALA A 299 -28.40 3.61 26.19
CA ALA A 299 -28.29 5.07 26.01
C ALA A 299 -29.36 5.58 25.01
N VAL A 300 -29.74 4.76 24.03
CA VAL A 300 -30.81 5.09 23.12
C VAL A 300 -32.12 5.26 23.92
N ARG A 301 -32.46 4.25 24.72
CA ARG A 301 -33.65 4.30 25.53
C ARG A 301 -33.66 5.51 26.46
N ALA A 302 -32.54 5.81 27.12
CA ALA A 302 -32.46 7.00 27.95
C ALA A 302 -32.86 8.23 27.16
N VAL A 303 -32.15 8.51 26.07
CA VAL A 303 -32.33 9.73 25.28
C VAL A 303 -33.76 9.84 24.74
N LEU A 304 -34.29 8.75 24.21
CA LEU A 304 -35.62 8.76 23.61
C LEU A 304 -36.70 9.00 24.68
N GLY A 305 -36.35 8.66 25.92
CA GLY A 305 -37.25 8.81 27.07
C GLY A 305 -37.22 10.17 27.73
N GLY A 306 -36.38 11.08 27.25
CA GLY A 306 -36.36 12.44 27.79
C GLY A 306 -35.17 12.86 28.61
N ALA A 307 -34.23 11.94 28.83
CA ALA A 307 -33.05 12.28 29.67
C ALA A 307 -32.30 13.44 29.04
N ARG A 308 -32.09 14.48 29.84
CA ARG A 308 -31.34 15.66 29.39
C ARG A 308 -29.85 15.41 29.57
N GLY A 309 -29.04 16.17 28.85
CA GLY A 309 -27.60 16.12 29.02
C GLY A 309 -26.86 16.04 27.70
N PRO A 310 -25.52 15.88 27.77
CA PRO A 310 -24.65 16.01 26.59
C PRO A 310 -25.02 15.12 25.41
N VAL A 311 -25.49 13.90 25.68
CA VAL A 311 -25.89 12.95 24.65
C VAL A 311 -27.15 13.39 23.90
N ARG A 312 -28.21 13.74 24.63
CA ARG A 312 -29.37 14.34 24.00
C ARG A 312 -28.91 15.50 23.11
N ASP A 313 -28.11 16.43 23.66
CA ASP A 313 -27.64 17.57 22.88
C ASP A 313 -27.00 17.12 21.56
N ALA A 314 -26.10 16.14 21.59
CA ALA A 314 -25.44 15.71 20.35
C ALA A 314 -26.45 15.11 19.36
N VAL A 315 -27.33 14.24 19.86
CA VAL A 315 -28.42 13.66 19.08
C VAL A 315 -29.29 14.72 18.40
N VAL A 316 -29.76 15.70 19.18
CA VAL A 316 -30.63 16.76 18.68
C VAL A 316 -29.90 17.58 17.60
N LEU A 317 -28.64 17.89 17.87
CA LEU A 317 -27.81 18.58 16.92
C LEU A 317 -27.70 17.85 15.58
N ASN A 318 -27.37 16.57 15.63
CA ASN A 318 -27.25 15.80 14.38
C ASN A 318 -28.58 15.52 13.68
N ALA A 319 -29.60 15.18 14.45
CA ALA A 319 -30.93 15.06 13.89
C ALA A 319 -31.33 16.34 13.18
N ALA A 320 -31.11 17.51 13.80
CA ALA A 320 -31.39 18.78 13.08
C ALA A 320 -30.55 18.90 11.80
N GLY A 321 -29.29 18.51 11.86
CA GLY A 321 -28.43 18.49 10.66
C GLY A 321 -29.12 17.73 9.53
N ALA A 322 -29.63 16.53 9.84
CA ALA A 322 -30.28 15.70 8.84
C ALA A 322 -31.52 16.39 8.29
N ILE A 323 -32.25 17.07 9.16
CA ILE A 323 -33.49 17.75 8.75
C ILE A 323 -33.15 18.94 7.85
N VAL A 324 -32.08 19.63 8.16
CA VAL A 324 -31.57 20.71 7.32
C VAL A 324 -31.19 20.24 5.91
N ALA A 325 -30.54 19.07 5.82
CA ALA A 325 -30.19 18.48 4.53
C ALA A 325 -31.45 18.13 3.74
N HIS A 326 -32.41 17.48 4.41
CA HIS A 326 -33.71 17.17 3.82
C HIS A 326 -34.39 18.42 3.26
N ALA A 327 -34.40 19.48 4.05
CA ALA A 327 -34.95 20.77 3.64
C ALA A 327 -34.24 21.32 2.39
N GLY A 328 -32.97 20.97 2.22
CA GLY A 328 -32.21 21.40 1.07
C GLY A 328 -32.73 20.84 -0.24
N LEU A 329 -33.58 19.85 -0.17
CA LEU A 329 -34.13 19.22 -1.33
C LEU A 329 -35.12 20.08 -2.03
N SER A 330 -36.21 20.38 -1.36
CA SER A 330 -37.23 21.25 -1.89
C SER A 330 -36.91 22.50 -1.10
N SER A 331 -36.11 23.36 -1.73
CA SER A 331 -35.33 24.36 -1.05
C SER A 331 -36.20 25.55 -0.72
N ARG A 332 -37.00 25.40 0.29
CA ARG A 332 -37.90 26.44 0.63
C ARG A 332 -37.37 27.32 1.76
N ALA A 333 -36.12 27.15 2.17
CA ALA A 333 -35.57 27.85 3.33
C ALA A 333 -34.07 28.10 3.38
N GLU A 334 -33.71 29.16 4.04
CA GLU A 334 -32.31 29.47 4.14
C GLU A 334 -31.62 28.72 5.30
N TRP A 335 -30.28 28.72 5.26
CA TRP A 335 -29.44 28.03 6.24
C TRP A 335 -29.92 28.18 7.70
N LEU A 336 -29.84 29.40 8.27
CA LEU A 336 -30.18 29.64 9.68
C LEU A 336 -31.63 29.29 10.05
N PRO A 337 -32.61 29.84 9.34
CA PRO A 337 -33.97 29.42 9.67
C PRO A 337 -34.16 27.89 9.62
N ALA A 338 -33.50 27.23 8.68
CA ALA A 338 -33.62 25.78 8.50
C ALA A 338 -33.03 25.08 9.69
N TRP A 339 -31.93 25.63 10.22
CA TRP A 339 -31.31 25.08 11.44
C TRP A 339 -32.25 25.25 12.63
N GLU A 340 -32.89 26.41 12.71
CA GLU A 340 -33.73 26.67 13.86
C GLU A 340 -34.94 25.75 13.87
N GLU A 341 -35.54 25.56 12.70
CA GLU A 341 -36.68 24.69 12.56
C GLU A 341 -36.25 23.22 12.74
N GLY A 342 -35.12 22.82 12.17
CA GLY A 342 -34.57 21.48 12.41
C GLY A 342 -34.38 21.18 13.89
N LEU A 343 -33.79 22.12 14.63
CA LEU A 343 -33.59 21.96 16.07
C LEU A 343 -34.93 21.85 16.84
N ARG A 344 -35.90 22.68 16.47
CA ARG A 344 -37.20 22.65 17.10
C ARG A 344 -37.86 21.29 16.84
N ARG A 345 -37.82 20.85 15.58
CA ARG A 345 -38.42 19.56 15.19
C ARG A 345 -37.72 18.38 15.86
N ALA A 346 -36.39 18.43 15.94
CA ALA A 346 -35.68 17.34 16.55
C ALA A 346 -35.95 17.25 18.08
N SER A 347 -35.92 18.40 18.76
CA SER A 347 -36.31 18.46 20.17
C SER A 347 -37.73 17.93 20.44
N ALA A 348 -38.69 18.45 19.65
CA ALA A 348 -40.10 18.08 19.80
C ALA A 348 -40.32 16.59 19.51
N ALA A 349 -39.61 16.01 18.54
CA ALA A 349 -39.79 14.58 18.26
C ALA A 349 -39.40 13.73 19.46
N ILE A 350 -38.45 14.23 20.24
CA ILE A 350 -38.11 13.55 21.48
C ILE A 350 -39.15 13.84 22.59
N ASP A 351 -39.33 15.11 22.91
CA ASP A 351 -40.15 15.52 24.07
C ASP A 351 -41.61 15.05 24.02
N THR A 352 -42.13 14.78 22.83
CA THR A 352 -43.52 14.40 22.68
C THR A 352 -43.65 12.91 22.66
N GLY A 353 -42.52 12.20 22.87
CA GLY A 353 -42.53 10.75 22.88
C GLY A 353 -42.56 10.12 21.51
N ALA A 354 -42.57 10.96 20.48
CA ALA A 354 -42.70 10.50 19.11
C ALA A 354 -41.55 9.58 18.68
N ALA A 355 -40.33 9.92 19.10
CA ALA A 355 -39.15 9.11 18.80
C ALA A 355 -39.23 7.77 19.52
N GLU A 356 -39.53 7.82 20.82
CA GLU A 356 -39.72 6.60 21.58
C GLU A 356 -40.85 5.75 20.98
N GLN A 357 -41.95 6.39 20.60
CA GLN A 357 -43.05 5.68 19.97
C GLN A 357 -42.65 5.04 18.64
N LEU A 358 -41.88 5.79 17.85
CA LEU A 358 -41.46 5.29 16.55
C LEU A 358 -40.52 4.07 16.67
N LEU A 359 -39.57 4.11 17.61
CA LEU A 359 -38.73 2.94 17.88
C LEU A 359 -39.57 1.73 18.24
N ALA A 360 -40.52 1.91 19.16
CA ALA A 360 -41.38 0.79 19.61
C ALA A 360 -42.13 0.18 18.40
N ARG A 361 -42.62 1.04 17.52
CA ARG A 361 -43.34 0.65 16.32
C ARG A 361 -42.40 -0.09 15.37
N TRP A 362 -41.19 0.41 15.25
CA TRP A 362 -40.17 -0.26 14.43
C TRP A 362 -39.85 -1.69 14.90
N VAL A 363 -39.66 -1.87 16.20
CA VAL A 363 -39.45 -3.19 16.82
C VAL A 363 -40.68 -4.07 16.57
N ARG A 364 -41.87 -3.50 16.81
CA ARG A 364 -43.15 -4.17 16.58
C ARG A 364 -43.18 -4.70 15.14
N PHE A 365 -42.93 -3.81 14.18
CA PHE A 365 -42.94 -4.19 12.77
C PHE A 365 -42.03 -5.41 12.51
N GLY A 366 -40.81 -5.37 13.02
CA GLY A 366 -39.85 -6.46 12.91
C GLY A 366 -40.29 -7.79 13.51
N ARG A 367 -40.94 -7.73 14.68
CA ARG A 367 -41.47 -8.92 15.36
C ARG A 367 -42.68 -9.47 14.63
N GLN A 368 -43.42 -8.58 13.96
CA GLN A 368 -44.60 -8.97 13.18
C GLN A 368 -44.19 -9.49 11.79
N ILE A 369 -42.91 -9.84 11.65
CA ILE A 369 -42.31 -10.42 10.42
C ILE A 369 -42.26 -9.43 9.25
N PRO B 24 2.66 -4.62 18.99
CA PRO B 24 2.86 -4.46 17.53
C PRO B 24 1.78 -5.18 16.77
N SER B 25 1.20 -4.48 15.80
CA SER B 25 0.10 -5.02 15.04
C SER B 25 0.15 -4.40 13.66
N TRP B 26 -0.57 -5.01 12.72
CA TRP B 26 -0.71 -4.44 11.40
C TRP B 26 -1.35 -3.05 11.44
N PRO B 27 -2.51 -2.92 12.13
CA PRO B 27 -3.14 -1.59 12.23
C PRO B 27 -2.16 -0.48 12.67
N GLN B 28 -1.31 -0.77 13.64
CA GLN B 28 -0.38 0.20 14.20
C GLN B 28 0.74 0.54 13.21
N ILE B 29 1.30 -0.48 12.60
CA ILE B 29 2.45 -0.30 11.70
C ILE B 29 1.99 0.30 10.37
N LEU B 30 0.88 -0.20 9.85
CA LEU B 30 0.37 0.29 8.56
C LEU B 30 -0.17 1.70 8.71
N GLY B 31 -0.82 1.97 9.85
CA GLY B 31 -1.32 3.31 10.17
C GLY B 31 -0.20 4.31 10.32
N ARG B 32 0.90 3.90 10.94
CA ARG B 32 2.10 4.78 10.99
C ARG B 32 2.61 5.10 9.58
N LEU B 33 2.74 4.09 8.74
CA LEU B 33 3.18 4.34 7.37
C LEU B 33 2.20 5.21 6.57
N THR B 34 0.90 4.88 6.59
CA THR B 34 -0.06 5.72 5.85
C THR B 34 -0.12 7.17 6.37
N ASP B 35 0.33 7.39 7.60
CA ASP B 35 0.43 8.73 8.19
C ASP B 35 1.76 9.39 7.79
N ASN B 36 2.49 8.74 6.89
CA ASN B 36 3.78 9.21 6.41
C ASN B 36 4.86 9.33 7.50
N ARG B 37 4.84 8.41 8.45
CA ARG B 37 5.82 8.45 9.52
C ARG B 37 6.81 7.29 9.37
N ASP B 38 8.08 7.59 9.64
CA ASP B 38 9.08 6.54 9.84
C ASP B 38 8.61 5.64 10.97
N LEU B 39 8.85 4.34 10.83
CA LEU B 39 8.54 3.37 11.87
C LEU B 39 9.38 3.53 13.13
N ALA B 40 8.86 3.01 14.25
CA ALA B 40 9.65 2.83 15.47
C ALA B 40 10.59 1.67 15.25
N ARG B 41 11.80 1.77 15.80
CA ARG B 41 12.75 0.67 15.85
C ARG B 41 12.02 -0.63 16.17
N GLY B 42 12.28 -1.67 15.37
CA GLY B 42 11.73 -3.00 15.66
C GLY B 42 10.44 -3.32 14.92
N GLN B 43 9.70 -2.30 14.51
CA GLN B 43 8.43 -2.54 13.80
C GLN B 43 8.58 -3.21 12.43
N ALA B 44 9.58 -2.78 11.66
CA ALA B 44 9.84 -3.40 10.35
C ALA B 44 10.25 -4.86 10.58
N ALA B 45 11.10 -5.11 11.59
CA ALA B 45 11.49 -6.48 11.94
C ALA B 45 10.32 -7.36 12.32
N TRP B 46 9.38 -6.82 13.10
CA TRP B 46 8.15 -7.57 13.42
C TRP B 46 7.40 -7.94 12.14
N ALA B 47 7.20 -6.97 11.27
CA ALA B 47 6.47 -7.22 10.01
C ALA B 47 7.20 -8.31 9.21
N MET B 48 8.52 -8.16 9.04
CA MET B 48 9.30 -9.17 8.29
C MET B 48 9.22 -10.54 8.92
N ASP B 49 9.27 -10.65 10.26
CA ASP B 49 9.12 -11.98 10.81
C ASP B 49 7.76 -12.57 10.51
N GLN B 50 6.69 -11.76 10.58
CA GLN B 50 5.38 -12.23 10.19
C GLN B 50 5.41 -12.78 8.76
N ILE B 51 6.06 -12.03 7.87
CA ILE B 51 6.15 -12.41 6.47
C ILE B 51 6.91 -13.71 6.24
N MET B 52 8.03 -13.89 6.95
CA MET B 52 8.92 -15.02 6.73
C MET B 52 8.40 -16.29 7.36
N THR B 53 7.57 -16.15 8.39
CA THR B 53 7.07 -17.34 9.09
C THR B 53 5.74 -17.89 8.54
N GLY B 54 5.22 -17.28 7.49
CA GLY B 54 3.93 -17.69 6.93
C GLY B 54 2.73 -17.08 7.65
N ASN B 55 2.97 -16.09 8.51
CA ASN B 55 1.90 -15.59 9.36
C ASN B 55 1.20 -14.34 8.87
N ALA B 56 1.81 -13.65 7.91
CA ALA B 56 1.20 -12.50 7.28
C ALA B 56 0.27 -12.94 6.15
N ARG B 57 -0.95 -12.40 6.12
CA ARG B 57 -1.85 -12.70 4.99
C ARG B 57 -1.33 -11.93 3.79
N PRO B 58 -1.56 -12.48 2.58
CA PRO B 58 -1.15 -11.80 1.34
C PRO B 58 -1.50 -10.31 1.34
N ALA B 59 -2.70 -9.97 1.82
CA ALA B 59 -3.17 -8.59 1.92
C ALA B 59 -2.33 -7.76 2.87
N GLN B 60 -1.94 -8.34 4.00
CA GLN B 60 -1.01 -7.67 4.92
C GLN B 60 0.38 -7.47 4.29
N ILE B 61 0.84 -8.47 3.55
CA ILE B 61 2.18 -8.37 2.95
C ILE B 61 2.17 -7.21 1.97
N ALA B 62 1.17 -7.20 1.09
CA ALA B 62 1.06 -6.20 0.03
C ALA B 62 0.87 -4.81 0.59
N ALA B 63 0.02 -4.67 1.60
CA ALA B 63 -0.19 -3.37 2.25
C ALA B 63 1.10 -2.85 2.79
N PHE B 64 1.89 -3.76 3.37
CA PHE B 64 3.14 -3.38 4.00
C PHE B 64 4.12 -2.96 2.92
N ALA B 65 4.28 -3.77 1.89
CA ALA B 65 5.18 -3.47 0.80
C ALA B 65 4.86 -2.10 0.22
N VAL B 66 3.58 -1.85 -0.04
CA VAL B 66 3.18 -0.63 -0.74
C VAL B 66 3.35 0.57 0.19
N ALA B 67 2.89 0.42 1.43
CA ALA B 67 2.95 1.50 2.42
C ALA B 67 4.40 1.91 2.71
N MET B 68 5.26 0.91 2.85
CA MET B 68 6.68 1.15 3.10
C MET B 68 7.30 1.85 1.90
N THR B 69 6.85 1.53 0.72
CA THR B 69 7.36 2.17 -0.47
C THR B 69 6.92 3.64 -0.58
N MET B 70 5.62 3.90 -0.40
CA MET B 70 5.10 5.25 -0.61
C MET B 70 5.47 6.18 0.53
N LYS B 71 5.70 5.63 1.72
CA LYS B 71 6.21 6.45 2.81
C LYS B 71 7.66 6.85 2.52
N ALA B 72 8.42 5.89 2.02
CA ALA B 72 9.85 6.05 1.69
C ALA B 72 10.67 5.46 2.82
N PRO B 73 11.21 4.27 2.58
CA PRO B 73 11.91 3.51 3.60
C PRO B 73 13.18 4.22 4.04
N THR B 74 13.56 3.96 5.29
CA THR B 74 14.85 4.35 5.80
C THR B 74 15.76 3.11 5.81
N ALA B 75 17.05 3.36 5.80
CA ALA B 75 18.07 2.36 5.92
C ALA B 75 17.87 1.51 7.16
N ASP B 76 17.48 2.12 8.27
CA ASP B 76 17.23 1.34 9.46
C ASP B 76 16.12 0.36 9.22
N GLU B 77 15.04 0.81 8.58
CA GLU B 77 13.91 -0.09 8.32
C GLU B 77 14.29 -1.18 7.34
N VAL B 78 14.94 -0.81 6.25
CA VAL B 78 15.35 -1.83 5.29
C VAL B 78 16.38 -2.75 5.90
N GLY B 79 17.18 -2.25 6.84
CA GLY B 79 18.17 -3.09 7.51
C GLY B 79 17.51 -4.13 8.41
N GLU B 80 16.38 -3.75 9.02
CA GLU B 80 15.63 -4.72 9.82
C GLU B 80 15.03 -5.80 8.94
N LEU B 81 14.43 -5.36 7.85
CA LEU B 81 13.84 -6.27 6.89
C LEU B 81 14.93 -7.27 6.44
N ALA B 82 16.08 -6.76 6.01
CA ALA B 82 17.14 -7.65 5.48
C ALA B 82 17.72 -8.60 6.53
N GLY B 83 17.93 -8.10 7.75
CA GLY B 83 18.51 -8.92 8.83
C GLY B 83 17.60 -10.07 9.22
N VAL B 84 16.31 -9.79 9.28
CA VAL B 84 15.33 -10.84 9.57
C VAL B 84 15.26 -11.86 8.45
N MET B 85 15.28 -11.37 7.22
CA MET B 85 15.31 -12.22 6.06
C MET B 85 16.55 -13.11 6.04
N LEU B 86 17.71 -12.53 6.32
CA LEU B 86 18.93 -13.32 6.38
C LEU B 86 18.86 -14.43 7.40
N SER B 87 18.12 -14.21 8.49
CA SER B 87 18.15 -15.13 9.62
C SER B 87 17.44 -16.41 9.22
N HIS B 88 16.51 -16.32 8.25
CA HIS B 88 15.79 -17.51 7.76
C HIS B 88 16.50 -18.13 6.57
N ALA B 89 17.52 -17.45 6.04
CA ALA B 89 18.18 -17.99 4.83
C ALA B 89 19.09 -19.15 5.20
N HIS B 90 19.34 -20.05 4.24
CA HIS B 90 20.40 -21.04 4.38
C HIS B 90 21.77 -20.39 4.31
N PRO B 91 22.60 -20.62 5.32
CA PRO B 91 23.95 -20.08 5.22
C PRO B 91 24.88 -21.04 4.48
N LEU B 92 26.03 -20.54 4.08
CA LEU B 92 27.08 -21.40 3.60
C LEU B 92 27.81 -21.99 4.81
N PRO B 93 28.42 -23.18 4.66
CA PRO B 93 29.10 -23.82 5.80
C PRO B 93 30.20 -22.90 6.29
N ALA B 94 30.60 -23.04 7.55
CA ALA B 94 31.59 -22.13 8.13
C ALA B 94 32.95 -22.16 7.41
N ASP B 95 33.62 -21.01 7.41
CA ASP B 95 34.96 -20.77 6.81
C ASP B 95 35.11 -21.25 5.35
N THR B 96 34.01 -21.13 4.61
CA THR B 96 34.01 -21.45 3.17
C THR B 96 33.88 -20.21 2.28
N VAL B 97 33.64 -19.06 2.87
CA VAL B 97 33.52 -17.82 2.12
C VAL B 97 34.73 -16.99 2.48
N PRO B 98 35.50 -16.53 1.46
CA PRO B 98 36.67 -15.75 1.79
C PRO B 98 36.34 -14.40 2.41
N ASP B 99 37.22 -13.95 3.29
CA ASP B 99 37.08 -12.65 3.93
C ASP B 99 36.77 -11.55 2.90
N ASP B 100 37.31 -11.72 1.69
CA ASP B 100 37.24 -10.65 0.69
C ASP B 100 36.41 -10.97 -0.57
N ALA B 101 35.37 -11.77 -0.41
CA ALA B 101 34.46 -12.12 -1.50
C ALA B 101 33.67 -10.89 -1.93
N VAL B 102 33.33 -10.82 -3.21
CA VAL B 102 32.47 -9.74 -3.66
C VAL B 102 31.24 -10.28 -4.35
N ASP B 103 30.25 -9.41 -4.43
CA ASP B 103 29.02 -9.71 -5.15
C ASP B 103 28.91 -8.66 -6.24
N VAL B 104 28.23 -9.04 -7.32
CA VAL B 104 27.91 -8.11 -8.38
C VAL B 104 26.48 -8.39 -8.73
N VAL B 105 25.58 -7.48 -8.34
CA VAL B 105 24.15 -7.74 -8.48
C VAL B 105 23.39 -6.45 -8.44
N GLY B 106 22.26 -6.40 -9.11
CA GLY B 106 21.43 -5.22 -9.04
C GLY B 106 20.01 -5.57 -8.68
N THR B 107 19.21 -4.54 -8.39
CA THR B 107 17.78 -4.73 -8.09
C THR B 107 16.99 -5.24 -9.28
N GLY B 108 17.52 -5.07 -10.50
CA GLY B 108 16.72 -5.28 -11.71
C GLY B 108 15.71 -4.14 -11.79
N GLY B 109 14.72 -4.28 -12.67
CA GLY B 109 13.61 -3.33 -12.77
C GLY B 109 13.95 -2.07 -13.52
N ASP B 110 15.04 -2.09 -14.28
CA ASP B 110 15.37 -0.91 -15.07
C ASP B 110 14.49 -0.80 -16.34
N GLY B 111 13.67 -1.81 -16.58
CA GLY B 111 12.77 -1.82 -17.73
C GLY B 111 13.44 -1.71 -19.09
N VAL B 112 14.75 -1.95 -19.13
CA VAL B 112 15.54 -1.69 -20.34
C VAL B 112 15.92 -2.95 -21.11
N ASN B 113 15.85 -4.13 -20.48
CA ASN B 113 16.25 -5.35 -21.15
C ASN B 113 17.64 -5.45 -21.86
N THR B 114 18.69 -5.20 -21.09
CA THR B 114 20.05 -5.38 -21.60
C THR B 114 20.56 -6.82 -21.57
N VAL B 115 21.67 -7.08 -22.26
CA VAL B 115 22.53 -8.19 -21.94
C VAL B 115 22.87 -8.22 -20.42
N ASN B 116 23.09 -9.41 -19.88
CA ASN B 116 23.25 -9.51 -18.43
C ASN B 116 24.60 -8.98 -17.99
N LEU B 117 24.60 -7.68 -17.71
CA LEU B 117 25.84 -7.00 -17.46
C LEU B 117 26.49 -7.46 -16.17
N SER B 118 25.69 -7.65 -15.10
CA SER B 118 26.24 -8.05 -13.80
C SER B 118 26.88 -9.42 -13.85
N THR B 119 26.23 -10.32 -14.58
CA THR B 119 26.63 -11.71 -14.66
C THR B 119 27.97 -11.77 -15.41
N MET B 120 28.04 -11.05 -16.51
CA MET B 120 29.27 -11.00 -17.29
C MET B 120 30.39 -10.34 -16.48
N ALA B 121 30.08 -9.31 -15.70
CA ALA B 121 31.14 -8.65 -14.95
C ALA B 121 31.60 -9.56 -13.81
N ALA B 122 30.67 -10.30 -13.21
CA ALA B 122 31.01 -11.26 -12.15
C ALA B 122 32.00 -12.33 -12.62
N ILE B 123 31.79 -12.86 -13.81
CA ILE B 123 32.73 -13.80 -14.44
C ILE B 123 34.14 -13.19 -14.62
N VAL B 124 34.17 -11.98 -15.17
CA VAL B 124 35.43 -11.29 -15.39
C VAL B 124 36.15 -10.98 -14.06
N VAL B 125 35.39 -10.50 -13.08
CA VAL B 125 35.95 -10.20 -11.77
C VAL B 125 36.61 -11.44 -11.17
N ALA B 126 35.86 -12.55 -11.15
CA ALA B 126 36.43 -13.76 -10.61
C ALA B 126 37.72 -14.19 -11.36
N ALA B 127 37.69 -14.04 -12.69
CA ALA B 127 38.82 -14.44 -13.51
C ALA B 127 40.02 -13.57 -13.20
N ALA B 128 39.77 -12.37 -12.66
CA ALA B 128 40.83 -11.47 -12.27
C ALA B 128 41.37 -11.83 -10.87
N GLY B 129 40.83 -12.89 -10.25
CA GLY B 129 41.37 -13.42 -9.00
C GLY B 129 40.64 -12.91 -7.77
N VAL B 130 39.47 -12.31 -7.97
CA VAL B 130 38.69 -11.82 -6.87
C VAL B 130 37.61 -12.88 -6.66
N PRO B 131 37.55 -13.43 -5.45
CA PRO B 131 36.51 -14.41 -5.18
C PRO B 131 35.16 -13.74 -5.27
N VAL B 132 34.26 -14.33 -6.05
CA VAL B 132 32.93 -13.80 -6.25
C VAL B 132 31.94 -14.81 -5.75
N VAL B 133 31.09 -14.41 -4.82
CA VAL B 133 29.93 -15.26 -4.55
C VAL B 133 28.73 -14.44 -4.95
N LYS B 134 28.08 -14.89 -6.00
CA LYS B 134 27.08 -14.07 -6.64
C LYS B 134 25.69 -14.50 -6.22
N HIS B 135 24.89 -13.51 -5.85
CA HIS B 135 23.51 -13.72 -5.56
C HIS B 135 22.80 -13.38 -6.86
N GLY B 136 21.77 -14.15 -7.17
CA GLY B 136 21.03 -13.89 -8.37
C GLY B 136 19.71 -14.62 -8.38
N ASN B 137 19.01 -14.43 -9.49
CA ASN B 137 17.66 -14.88 -9.67
C ASN B 137 17.36 -14.81 -11.17
N ARG B 138 16.27 -15.45 -11.57
CA ARG B 138 15.68 -15.30 -12.89
C ARG B 138 15.19 -13.88 -13.16
N ALA B 139 14.75 -13.63 -14.39
CA ALA B 139 14.11 -12.37 -14.73
C ALA B 139 12.77 -12.20 -14.01
N ALA B 140 12.51 -10.97 -13.57
CA ALA B 140 11.20 -10.61 -13.05
C ALA B 140 10.41 -9.81 -14.12
N SER B 141 11.15 -9.09 -14.95
CA SER B 141 10.59 -8.04 -15.80
C SER B 141 11.33 -8.04 -17.15
N SER B 142 12.54 -8.58 -17.14
CA SER B 142 13.37 -8.73 -18.32
C SER B 142 12.99 -10.00 -19.09
N LEU B 143 13.46 -10.11 -20.34
CA LEU B 143 13.37 -11.40 -21.05
C LEU B 143 14.33 -12.44 -20.44
N SER B 144 15.54 -12.03 -20.06
CA SER B 144 16.49 -12.99 -19.48
C SER B 144 17.28 -12.43 -18.30
N GLY B 145 17.08 -13.05 -17.14
CA GLY B 145 17.87 -12.66 -15.95
C GLY B 145 19.22 -13.34 -15.91
N GLY B 146 20.04 -12.98 -14.94
CA GLY B 146 21.35 -13.57 -14.76
C GLY B 146 21.30 -15.08 -14.70
N ALA B 147 20.38 -15.60 -13.88
CA ALA B 147 20.24 -17.03 -13.68
C ALA B 147 19.82 -17.74 -14.95
N ASP B 148 18.92 -17.12 -15.70
CA ASP B 148 18.43 -17.70 -16.96
C ASP B 148 19.59 -17.84 -17.93
N THR B 149 20.42 -16.81 -18.00
CA THR B 149 21.51 -16.79 -18.96
C THR B 149 22.58 -17.80 -18.53
N LEU B 150 22.83 -17.93 -17.22
CA LEU B 150 23.81 -18.89 -16.73
C LEU B 150 23.40 -20.32 -17.06
N GLU B 151 22.13 -20.59 -16.85
CA GLU B 151 21.50 -21.85 -17.24
C GLU B 151 21.72 -22.12 -18.73
N ALA B 152 21.40 -21.16 -19.59
CA ALA B 152 21.64 -21.33 -21.05
C ALA B 152 23.11 -21.63 -21.43
N LEU B 153 24.04 -21.14 -20.59
CA LEU B 153 25.48 -21.37 -20.83
C LEU B 153 25.91 -22.74 -20.30
N GLY B 154 25.03 -23.43 -19.59
CA GLY B 154 25.38 -24.75 -19.02
C GLY B 154 25.90 -24.72 -17.58
N VAL B 155 25.91 -23.54 -16.95
CA VAL B 155 26.22 -23.42 -15.54
C VAL B 155 25.05 -23.94 -14.67
N ARG B 156 25.34 -24.77 -13.65
CA ARG B 156 24.27 -25.22 -12.76
C ARG B 156 23.91 -24.16 -11.73
N ILE B 157 22.69 -23.65 -11.81
CA ILE B 157 22.30 -22.57 -10.92
C ILE B 157 21.64 -23.07 -9.62
N ASP B 158 21.27 -24.35 -9.59
CA ASP B 158 20.47 -24.96 -8.50
C ASP B 158 21.24 -25.59 -7.34
N LEU B 159 22.46 -25.14 -7.05
CA LEU B 159 23.22 -25.80 -6.00
C LEU B 159 22.98 -25.32 -4.57
N GLY B 160 23.11 -26.23 -3.62
CA GLY B 160 22.96 -25.88 -2.20
C GLY B 160 24.26 -25.36 -1.61
N PRO B 161 24.23 -24.97 -0.31
CA PRO B 161 25.36 -24.37 0.35
C PRO B 161 26.68 -25.11 0.15
N ASP B 162 26.70 -26.41 0.43
CA ASP B 162 27.92 -27.21 0.31
C ASP B 162 28.55 -27.06 -1.08
N LEU B 163 27.74 -27.16 -2.12
CA LEU B 163 28.24 -27.05 -3.49
C LEU B 163 28.57 -25.64 -3.93
N VAL B 164 27.82 -24.65 -3.46
CA VAL B 164 28.21 -23.29 -3.77
C VAL B 164 29.60 -23.09 -3.17
N ALA B 165 29.77 -23.55 -1.94
CA ALA B 165 31.03 -23.41 -1.24
C ALA B 165 32.19 -24.10 -2.01
N ARG B 166 31.98 -25.34 -2.46
CA ARG B 166 32.97 -26.06 -3.26
C ARG B 166 33.28 -25.28 -4.54
N SER B 167 32.22 -24.80 -5.18
CA SER B 167 32.35 -24.09 -6.44
C SER B 167 33.25 -22.89 -6.21
N LEU B 168 32.98 -22.18 -5.15
CA LEU B 168 33.78 -21.01 -4.84
C LEU B 168 35.28 -21.39 -4.65
N ALA B 169 35.55 -22.46 -3.92
CA ALA B 169 36.92 -22.90 -3.67
C ALA B 169 37.62 -23.40 -4.95
N GLU B 170 36.91 -24.15 -5.77
CA GLU B 170 37.50 -24.86 -6.90
C GLU B 170 37.50 -24.07 -8.21
N VAL B 171 36.53 -23.18 -8.38
CA VAL B 171 36.37 -22.43 -9.63
C VAL B 171 36.74 -20.96 -9.40
N GLY B 172 36.45 -20.46 -8.20
CA GLY B 172 36.73 -19.07 -7.90
C GLY B 172 35.46 -18.23 -7.98
N ILE B 173 34.33 -18.87 -8.23
CA ILE B 173 33.06 -18.18 -8.27
C ILE B 173 31.99 -19.15 -7.80
N GLY B 174 30.96 -18.61 -7.18
CA GLY B 174 29.81 -19.39 -6.77
C GLY B 174 28.57 -18.55 -6.96
N PHE B 175 27.44 -19.23 -7.14
CA PHE B 175 26.18 -18.56 -7.41
C PHE B 175 25.12 -19.11 -6.47
N CYS B 176 24.61 -18.21 -5.64
CA CYS B 176 23.50 -18.53 -4.75
C CYS B 176 22.22 -18.15 -5.47
N PHE B 177 21.46 -19.16 -5.85
CA PHE B 177 20.17 -18.98 -6.48
C PHE B 177 19.19 -18.55 -5.40
N ALA B 178 18.76 -17.31 -5.45
CA ALA B 178 17.86 -16.76 -4.41
C ALA B 178 16.75 -17.71 -3.90
N PRO B 179 15.94 -18.29 -4.81
CA PRO B 179 14.88 -19.21 -4.34
C PRO B 179 15.38 -20.43 -3.55
N ARG B 180 16.59 -20.88 -3.88
CA ARG B 180 17.18 -22.02 -3.19
C ARG B 180 17.55 -21.63 -1.76
N PHE B 181 17.99 -20.38 -1.57
CA PHE B 181 18.57 -19.95 -0.26
C PHE B 181 17.63 -19.21 0.67
N HIS B 182 16.54 -18.70 0.11
CA HIS B 182 15.53 -17.96 0.83
C HIS B 182 14.14 -18.57 0.68
N PRO B 183 14.00 -19.89 0.91
CA PRO B 183 12.72 -20.56 0.73
C PRO B 183 11.58 -19.90 1.50
N SER B 184 11.86 -19.39 2.68
CA SER B 184 10.82 -18.79 3.55
C SER B 184 10.34 -17.42 3.07
N TYR B 185 10.96 -16.90 2.01
CA TYR B 185 10.56 -15.65 1.38
C TYR B 185 9.46 -15.86 0.33
N ARG B 186 8.98 -17.09 0.20
CA ARG B 186 8.05 -17.44 -0.88
C ARG B 186 6.72 -16.69 -0.83
N HIS B 187 6.31 -16.23 0.37
CA HIS B 187 5.07 -15.49 0.48
C HIS B 187 5.29 -14.06 0.01
N ALA B 188 6.42 -13.49 0.40
CA ALA B 188 6.78 -12.18 -0.08
C ALA B 188 6.88 -12.21 -1.60
N ALA B 189 7.54 -13.25 -2.13
CA ALA B 189 7.81 -13.32 -3.55
C ALA B 189 6.55 -13.51 -4.36
N ALA B 190 5.61 -14.31 -3.84
CA ALA B 190 4.34 -14.49 -4.55
C ALA B 190 3.58 -13.16 -4.58
N VAL B 191 3.52 -12.46 -3.43
CA VAL B 191 2.91 -11.12 -3.41
C VAL B 191 3.55 -10.14 -4.41
N ARG B 192 4.87 -10.15 -4.49
CA ARG B 192 5.62 -9.27 -5.42
C ARG B 192 5.14 -9.44 -6.88
N ARG B 193 4.96 -10.69 -7.30
CA ARG B 193 4.55 -11.12 -8.63
C ARG B 193 3.10 -10.69 -8.89
N GLU B 194 2.25 -10.91 -7.90
CA GLU B 194 0.85 -10.54 -7.96
C GLU B 194 0.62 -9.03 -8.12
N ILE B 195 1.38 -8.21 -7.40
CA ILE B 195 1.13 -6.79 -7.47
C ILE B 195 1.84 -6.13 -8.64
N GLY B 196 3.01 -6.66 -8.99
CA GLY B 196 3.65 -6.28 -10.23
C GLY B 196 4.48 -5.02 -10.12
N VAL B 197 4.03 -4.08 -9.31
CA VAL B 197 4.71 -2.80 -9.15
C VAL B 197 5.91 -2.98 -8.21
N PRO B 198 7.06 -2.33 -8.51
CA PRO B 198 8.21 -2.27 -7.61
C PRO B 198 7.83 -1.73 -6.24
N THR B 199 8.36 -2.35 -5.20
CA THR B 199 8.22 -1.85 -3.86
C THR B 199 9.58 -2.01 -3.20
N VAL B 200 9.63 -1.65 -1.93
CA VAL B 200 10.78 -1.88 -1.08
C VAL B 200 11.29 -3.35 -1.15
N PHE B 201 10.43 -4.33 -1.39
CA PHE B 201 10.89 -5.72 -1.49
C PHE B 201 11.93 -5.93 -2.59
N ASN B 202 11.83 -5.13 -3.65
CA ASN B 202 12.75 -5.20 -4.76
C ASN B 202 14.19 -4.86 -4.37
N LEU B 203 14.38 -4.16 -3.25
CA LEU B 203 15.72 -3.93 -2.70
C LEU B 203 16.33 -5.14 -1.96
N LEU B 204 15.53 -6.13 -1.61
CA LEU B 204 16.00 -7.11 -0.63
C LEU B 204 16.99 -8.16 -1.13
N GLY B 205 16.81 -8.66 -2.35
CA GLY B 205 17.73 -9.65 -2.96
C GLY B 205 19.20 -9.26 -2.83
N PRO B 206 19.55 -8.08 -3.34
CA PRO B 206 20.92 -7.57 -3.24
C PRO B 206 21.43 -7.38 -1.81
N LEU B 207 20.54 -7.02 -0.89
CA LEU B 207 20.93 -6.81 0.51
C LEU B 207 20.97 -8.10 1.29
N THR B 208 20.64 -9.22 0.64
CA THR B 208 20.49 -10.48 1.39
C THR B 208 21.25 -11.68 0.81
N ASN B 209 22.37 -11.43 0.15
CA ASN B 209 23.25 -12.51 -0.33
C ASN B 209 23.56 -13.46 0.86
N PRO B 210 23.23 -14.75 0.74
CA PRO B 210 23.39 -15.61 1.95
C PRO B 210 24.83 -15.92 2.36
N ALA B 211 25.78 -15.66 1.47
CA ALA B 211 27.20 -15.82 1.77
C ALA B 211 27.76 -14.60 2.46
N ARG B 212 27.03 -13.49 2.44
CA ARG B 212 27.46 -12.26 3.12
C ARG B 212 28.86 -11.73 2.72
N PRO B 213 29.13 -11.64 1.39
CA PRO B 213 30.40 -11.06 0.97
C PRO B 213 30.44 -9.66 1.55
N ARG B 214 31.62 -9.18 1.88
CA ARG B 214 31.72 -7.88 2.55
C ARG B 214 31.91 -6.76 1.51
N ALA B 215 32.01 -7.14 0.24
CA ALA B 215 32.14 -6.15 -0.81
C ALA B 215 31.17 -6.43 -1.93
N GLY B 216 30.89 -5.42 -2.74
CA GLY B 216 30.01 -5.65 -3.85
C GLY B 216 29.86 -4.43 -4.71
N LEU B 217 29.42 -4.67 -5.93
CA LEU B 217 28.97 -3.61 -6.81
C LEU B 217 27.50 -3.90 -6.94
N ILE B 218 26.69 -3.01 -6.37
CA ILE B 218 25.26 -3.23 -6.21
C ILE B 218 24.50 -2.21 -7.01
N GLY B 219 23.72 -2.67 -7.97
CA GLY B 219 23.03 -1.74 -8.85
C GLY B 219 21.63 -1.51 -8.34
N CYS B 220 21.17 -0.27 -8.49
CA CYS B 220 19.82 0.09 -8.10
C CYS B 220 19.11 0.87 -9.22
N ALA B 221 18.05 0.26 -9.74
CA ALA B 221 17.25 0.84 -10.82
C ALA B 221 16.38 2.02 -10.38
N PHE B 222 16.31 2.27 -9.08
CA PHE B 222 15.41 3.27 -8.49
C PHE B 222 16.25 4.33 -7.84
N ALA B 223 16.37 5.50 -8.50
CA ALA B 223 17.29 6.53 -8.05
C ALA B 223 17.05 6.94 -6.60
N ASP B 224 15.79 6.92 -6.20
CA ASP B 224 15.36 7.37 -4.87
C ASP B 224 15.71 6.38 -3.75
N LEU B 225 15.92 5.10 -4.11
CA LEU B 225 16.17 4.04 -3.12
C LEU B 225 17.63 3.64 -3.02
N ALA B 226 18.46 4.12 -3.93
CA ALA B 226 19.86 3.76 -3.94
C ALA B 226 20.58 4.17 -2.64
N GLU B 227 20.22 5.35 -2.12
CA GLU B 227 20.81 5.88 -0.91
C GLU B 227 20.53 4.99 0.32
N VAL B 228 19.30 4.53 0.41
CA VAL B 228 18.85 3.60 1.43
C VAL B 228 19.64 2.29 1.35
N MET B 229 19.83 1.74 0.14
CA MET B 229 20.62 0.49 0.02
C MET B 229 22.03 0.76 0.51
N ALA B 230 22.56 1.91 0.10
CA ALA B 230 23.89 2.30 0.54
C ALA B 230 24.03 2.37 2.06
N GLY B 231 23.03 2.92 2.74
CA GLY B 231 23.06 3.07 4.22
C GLY B 231 22.97 1.74 4.93
N VAL B 232 22.20 0.81 4.33
CA VAL B 232 22.18 -0.56 4.81
C VAL B 232 23.58 -1.16 4.79
N PHE B 233 24.28 -1.05 3.65
CA PHE B 233 25.66 -1.59 3.57
C PHE B 233 26.63 -0.88 4.52
N ALA B 234 26.40 0.42 4.70
CA ALA B 234 27.25 1.21 5.58
C ALA B 234 27.13 0.73 7.02
N ALA B 235 25.91 0.45 7.49
CA ALA B 235 25.71 -0.10 8.83
C ALA B 235 26.45 -1.42 9.00
N ARG B 236 26.59 -2.18 7.92
CA ARG B 236 27.33 -3.42 7.95
C ARG B 236 28.85 -3.22 7.81
N ARG B 237 29.29 -1.99 7.51
CA ARG B 237 30.70 -1.73 7.27
C ARG B 237 31.23 -2.58 6.10
N SER B 238 30.37 -2.70 5.09
CA SER B 238 30.75 -3.29 3.81
C SER B 238 31.49 -2.26 2.95
N SER B 239 32.28 -2.74 1.99
CA SER B 239 32.92 -1.88 0.99
C SER B 239 32.15 -2.05 -0.29
N VAL B 240 31.28 -1.09 -0.59
CA VAL B 240 30.32 -1.26 -1.65
C VAL B 240 30.22 0.01 -2.49
N LEU B 241 29.97 -0.17 -3.79
CA LEU B 241 29.56 0.94 -4.64
C LEU B 241 28.16 0.62 -5.02
N VAL B 242 27.23 1.46 -4.61
CA VAL B 242 25.86 1.31 -5.04
C VAL B 242 25.71 2.24 -6.22
N VAL B 243 25.22 1.70 -7.33
CA VAL B 243 25.26 2.45 -8.56
C VAL B 243 23.91 2.52 -9.25
N HIS B 244 23.67 3.66 -9.88
CA HIS B 244 22.47 3.92 -10.65
C HIS B 244 22.94 4.69 -11.89
N GLY B 245 22.76 4.08 -13.05
CA GLY B 245 23.12 4.75 -14.30
C GLY B 245 22.14 5.89 -14.51
N ASP B 246 22.64 7.06 -14.87
CA ASP B 246 21.77 8.23 -15.04
C ASP B 246 20.78 8.09 -16.20
N ASP B 247 20.86 6.95 -16.89
CA ASP B 247 19.93 6.56 -17.94
C ASP B 247 18.87 5.56 -17.43
N GLY B 248 18.89 5.29 -16.12
CA GLY B 248 17.98 4.30 -15.55
C GLY B 248 18.54 2.91 -15.24
N LEU B 249 19.70 2.56 -15.81
CA LEU B 249 20.30 1.23 -15.58
C LEU B 249 20.65 0.95 -14.11
N ASP B 250 20.38 -0.26 -13.66
CA ASP B 250 20.90 -0.74 -12.36
C ASP B 250 22.31 -1.30 -12.54
N GLU B 251 23.11 -0.58 -13.34
CA GLU B 251 24.51 -0.93 -13.66
C GLU B 251 25.28 0.38 -13.89
N LEU B 252 26.60 0.35 -13.75
CA LEU B 252 27.38 1.44 -14.29
C LEU B 252 27.16 1.44 -15.80
N THR B 253 26.82 2.61 -16.33
CA THR B 253 26.43 2.70 -17.72
C THR B 253 27.54 3.28 -18.59
N THR B 254 27.40 3.06 -19.90
CA THR B 254 28.35 3.62 -20.84
C THR B 254 27.67 4.70 -21.70
N THR B 255 26.34 4.80 -21.60
CA THR B 255 25.59 5.80 -22.37
C THR B 255 25.65 7.20 -21.77
N THR B 256 26.01 7.29 -20.49
CA THR B 256 26.02 8.59 -19.80
C THR B 256 26.69 8.45 -18.42
N THR B 257 26.51 9.45 -17.58
CA THR B 257 27.09 9.43 -16.26
C THR B 257 26.34 8.44 -15.36
N SER B 258 26.94 8.12 -14.21
CA SER B 258 26.28 7.32 -13.20
C SER B 258 26.36 8.04 -11.87
N THR B 259 25.42 7.75 -11.00
CA THR B 259 25.55 8.18 -9.63
C THR B 259 26.08 6.99 -8.82
N ILE B 260 27.15 7.19 -8.07
CA ILE B 260 27.68 6.14 -7.22
C ILE B 260 27.55 6.57 -5.79
N TRP B 261 26.83 5.79 -4.99
CA TRP B 261 26.94 5.95 -3.56
C TRP B 261 28.08 5.04 -3.09
N ARG B 262 29.18 5.67 -2.70
CA ARG B 262 30.38 4.98 -2.26
C ARG B 262 30.35 4.65 -0.74
N VAL B 263 30.34 3.37 -0.42
CA VAL B 263 30.23 2.98 0.96
C VAL B 263 31.57 2.49 1.45
N ALA B 264 32.11 3.20 2.44
CA ALA B 264 33.39 2.83 3.03
C ALA B 264 33.52 3.38 4.45
N ALA B 265 34.11 2.56 5.33
CA ALA B 265 34.27 2.90 6.75
C ALA B 265 32.96 3.39 7.40
N GLY B 266 31.87 2.70 7.09
CA GLY B 266 30.56 2.97 7.66
C GLY B 266 29.94 4.32 7.31
N SER B 267 30.44 4.96 6.26
CA SER B 267 29.86 6.20 5.75
C SER B 267 29.68 6.19 4.23
N VAL B 268 28.79 7.06 3.76
CA VAL B 268 28.33 7.11 2.38
C VAL B 268 28.69 8.45 1.73
N ASP B 269 29.23 8.37 0.50
CA ASP B 269 29.49 9.53 -0.37
C ASP B 269 28.73 9.45 -1.68
N LYS B 270 27.94 10.47 -2.00
CA LYS B 270 27.31 10.53 -3.32
C LYS B 270 28.31 11.11 -4.32
N LEU B 271 28.38 10.50 -5.49
CA LEU B 271 29.33 10.88 -6.55
C LEU B 271 28.64 10.80 -7.90
N THR B 272 28.97 11.75 -8.78
CA THR B 272 28.71 11.53 -10.21
C THR B 272 29.97 10.92 -10.83
N PHE B 273 29.77 9.86 -11.60
CA PHE B 273 30.85 9.14 -12.27
C PHE B 273 30.67 9.27 -13.76
N ASP B 274 31.75 9.63 -14.45
CA ASP B 274 31.79 9.79 -15.91
C ASP B 274 32.88 8.90 -16.52
N PRO B 275 32.48 7.81 -17.21
CA PRO B 275 33.44 6.90 -17.84
C PRO B 275 34.30 7.53 -18.95
N ALA B 276 33.84 8.63 -19.55
CA ALA B 276 34.59 9.37 -20.56
C ALA B 276 35.96 9.73 -20.04
N GLY B 277 36.05 9.98 -18.74
CA GLY B 277 37.33 10.27 -18.07
C GLY B 277 38.34 9.12 -18.08
N PHE B 278 37.92 7.94 -18.55
CA PHE B 278 38.85 6.80 -18.68
C PHE B 278 38.99 6.44 -20.11
N GLY B 279 38.33 7.24 -20.96
CA GLY B 279 38.45 7.08 -22.40
C GLY B 279 37.33 6.30 -23.07
N PHE B 280 36.29 5.95 -22.32
CA PHE B 280 35.12 5.26 -22.87
C PHE B 280 34.30 6.24 -23.70
N ALA B 281 33.89 5.82 -24.89
CA ALA B 281 33.05 6.66 -25.68
C ALA B 281 31.58 6.40 -25.34
N ARG B 282 30.74 7.39 -25.58
CA ARG B 282 29.35 7.27 -25.25
C ARG B 282 28.71 6.20 -26.12
N ALA B 283 28.16 5.18 -25.48
CA ALA B 283 27.37 4.21 -26.21
C ALA B 283 25.91 4.68 -26.24
N GLN B 284 25.08 4.04 -27.06
CA GLN B 284 23.63 4.19 -26.96
C GLN B 284 23.07 2.92 -26.34
N LEU B 285 21.90 3.04 -25.71
CA LEU B 285 21.23 1.93 -25.04
C LEU B 285 20.99 0.69 -25.89
N ASP B 286 20.56 0.86 -27.12
CA ASP B 286 20.23 -0.31 -27.93
C ASP B 286 21.48 -1.12 -28.31
N GLN B 287 22.66 -0.51 -28.16
CA GLN B 287 23.93 -1.23 -28.32
C GLN B 287 24.10 -2.27 -27.20
N LEU B 288 23.46 -2.01 -26.06
CA LEU B 288 23.49 -2.93 -24.91
C LEU B 288 22.28 -3.85 -24.88
N ALA B 289 21.44 -3.78 -25.91
CA ALA B 289 20.20 -4.57 -25.98
C ALA B 289 20.53 -6.05 -26.02
N GLY B 290 19.74 -6.83 -25.29
CA GLY B 290 19.81 -8.29 -25.36
C GLY B 290 18.46 -8.87 -25.76
N GLY B 291 18.36 -10.20 -25.69
CA GLY B 291 17.13 -10.92 -26.01
C GLY B 291 16.92 -12.05 -25.03
N ASP B 292 16.56 -13.22 -25.56
CA ASP B 292 16.23 -14.37 -24.75
C ASP B 292 17.49 -14.98 -24.13
N ALA B 293 17.32 -16.06 -23.36
CA ALA B 293 18.44 -16.67 -22.66
C ALA B 293 19.55 -17.01 -23.65
N GLN B 294 19.21 -17.74 -24.71
CA GLN B 294 20.20 -18.12 -25.73
C GLN B 294 20.94 -16.93 -26.35
N ALA B 295 20.23 -15.84 -26.62
CA ALA B 295 20.91 -14.69 -27.23
C ALA B 295 21.86 -14.04 -26.21
N ASN B 296 21.43 -13.95 -24.96
CA ASN B 296 22.26 -13.40 -23.92
C ASN B 296 23.46 -14.32 -23.64
N ALA B 297 23.26 -15.63 -23.76
CA ALA B 297 24.36 -16.59 -23.63
C ALA B 297 25.38 -16.33 -24.73
N ALA B 298 24.90 -16.15 -25.96
CA ALA B 298 25.79 -15.86 -27.10
C ALA B 298 26.59 -14.58 -26.89
N ALA B 299 25.96 -13.58 -26.27
CA ALA B 299 26.68 -12.34 -25.97
C ALA B 299 27.76 -12.51 -24.87
N VAL B 300 27.49 -13.35 -23.87
CA VAL B 300 28.51 -13.70 -22.88
C VAL B 300 29.70 -14.31 -23.60
N ARG B 301 29.43 -15.29 -24.45
CA ARG B 301 30.48 -15.98 -25.19
C ARG B 301 31.29 -15.01 -26.05
N ALA B 302 30.62 -14.07 -26.68
CA ALA B 302 31.29 -13.09 -27.56
C ALA B 302 32.24 -12.23 -26.75
N VAL B 303 31.74 -11.66 -25.64
CA VAL B 303 32.57 -10.79 -24.80
C VAL B 303 33.80 -11.54 -24.25
N LEU B 304 33.58 -12.75 -23.74
CA LEU B 304 34.67 -13.50 -23.13
C LEU B 304 35.70 -14.00 -24.16
N GLY B 305 35.27 -14.20 -25.41
CA GLY B 305 36.16 -14.51 -26.55
C GLY B 305 36.97 -13.32 -27.05
N GLY B 306 36.77 -12.15 -26.46
CA GLY B 306 37.56 -10.97 -26.77
C GLY B 306 36.98 -9.95 -27.75
N ALA B 307 35.72 -10.15 -28.16
CA ALA B 307 35.08 -9.23 -29.13
C ALA B 307 35.09 -7.82 -28.56
N ARG B 308 35.63 -6.87 -29.32
CA ARG B 308 35.64 -5.49 -28.89
C ARG B 308 34.26 -4.85 -29.12
N GLY B 309 34.02 -3.67 -28.57
CA GLY B 309 32.72 -3.05 -28.73
C GLY B 309 31.96 -2.60 -27.49
N PRO B 310 30.72 -2.13 -27.68
CA PRO B 310 29.94 -1.55 -26.58
C PRO B 310 29.65 -2.50 -25.40
N VAL B 311 29.40 -3.76 -25.67
CA VAL B 311 29.11 -4.70 -24.58
C VAL B 311 30.35 -4.97 -23.70
N ARG B 312 31.50 -5.22 -24.35
CA ARG B 312 32.76 -5.35 -23.61
C ARG B 312 33.06 -4.14 -22.74
N ASP B 313 32.89 -2.93 -23.28
CA ASP B 313 33.15 -1.70 -22.51
C ASP B 313 32.34 -1.67 -21.20
N ALA B 314 31.05 -1.97 -21.31
CA ALA B 314 30.17 -1.99 -20.14
C ALA B 314 30.52 -3.12 -19.18
N VAL B 315 30.82 -4.31 -19.71
CA VAL B 315 31.27 -5.41 -18.84
C VAL B 315 32.54 -5.01 -18.08
N VAL B 316 33.49 -4.42 -18.79
CA VAL B 316 34.78 -4.01 -18.21
C VAL B 316 34.60 -2.90 -17.15
N LEU B 317 33.75 -1.93 -17.45
CA LEU B 317 33.47 -0.84 -16.53
C LEU B 317 32.87 -1.42 -15.25
N ASN B 318 31.91 -2.32 -15.40
CA ASN B 318 31.27 -2.90 -14.23
C ASN B 318 32.22 -3.82 -13.46
N ALA B 319 33.01 -4.61 -14.18
CA ALA B 319 33.99 -5.47 -13.49
C ALA B 319 34.95 -4.59 -12.71
N ALA B 320 35.43 -3.49 -13.33
CA ALA B 320 36.31 -2.55 -12.64
C ALA B 320 35.66 -2.01 -11.37
N GLY B 321 34.38 -1.59 -11.45
CA GLY B 321 33.66 -1.13 -10.26
C GLY B 321 33.69 -2.10 -9.08
N ALA B 322 33.43 -3.38 -9.33
CA ALA B 322 33.48 -4.39 -8.28
C ALA B 322 34.91 -4.62 -7.79
N ILE B 323 35.89 -4.51 -8.69
CA ILE B 323 37.28 -4.65 -8.28
C ILE B 323 37.67 -3.52 -7.35
N VAL B 324 37.20 -2.32 -7.65
CA VAL B 324 37.41 -1.16 -6.78
C VAL B 324 36.75 -1.35 -5.40
N ALA B 325 35.52 -1.87 -5.41
CA ALA B 325 34.78 -2.14 -4.18
C ALA B 325 35.60 -3.11 -3.36
N HIS B 326 36.10 -4.16 -4.02
CA HIS B 326 36.95 -5.16 -3.42
C HIS B 326 38.24 -4.59 -2.82
N ALA B 327 38.90 -3.66 -3.53
CA ALA B 327 40.12 -3.04 -3.02
C ALA B 327 39.86 -2.24 -1.73
N GLY B 328 38.65 -1.66 -1.66
CA GLY B 328 38.25 -0.86 -0.52
C GLY B 328 38.08 -1.62 0.79
N LEU B 329 38.26 -2.94 0.75
CA LEU B 329 38.17 -3.76 1.96
C LEU B 329 39.31 -3.45 2.93
N SER B 330 40.14 -2.48 2.55
CA SER B 330 41.28 -2.09 3.38
C SER B 330 41.59 -0.61 3.17
N SER B 331 42.68 -0.14 3.76
CA SER B 331 43.08 1.25 3.65
C SER B 331 44.53 1.50 4.04
N ARG B 332 45.13 2.48 3.37
CA ARG B 332 44.36 3.32 2.44
C ARG B 332 44.91 3.55 1.01
N ALA B 333 43.98 3.57 0.05
CA ALA B 333 44.23 4.00 -1.32
C ALA B 333 43.18 5.07 -1.60
N GLU B 334 43.14 5.54 -2.84
CA GLU B 334 42.18 6.56 -3.26
C GLU B 334 41.43 6.09 -4.51
N TRP B 335 40.63 6.97 -5.09
CA TRP B 335 39.86 6.63 -6.27
C TRP B 335 40.31 6.39 -7.71
N LEU B 336 40.95 7.37 -8.34
CA LEU B 336 41.31 7.23 -9.75
C LEU B 336 42.31 6.13 -10.05
N PRO B 337 43.37 5.98 -9.23
CA PRO B 337 44.28 4.89 -9.51
C PRO B 337 43.63 3.52 -9.35
N ALA B 338 42.69 3.38 -8.42
CA ALA B 338 42.02 2.11 -8.18
C ALA B 338 41.12 1.73 -9.36
N TRP B 339 40.50 2.74 -9.96
CA TRP B 339 39.74 2.53 -11.19
C TRP B 339 40.61 2.11 -12.36
N GLU B 340 41.77 2.75 -12.50
CA GLU B 340 42.67 2.47 -13.63
C GLU B 340 43.13 1.02 -13.49
N GLU B 341 43.56 0.66 -12.28
CA GLU B 341 43.94 -0.73 -11.98
C GLU B 341 42.79 -1.74 -12.17
N GLY B 342 41.58 -1.36 -11.75
CA GLY B 342 40.43 -2.21 -11.95
C GLY B 342 40.16 -2.45 -13.41
N LEU B 343 40.25 -1.38 -14.18
CA LEU B 343 40.01 -1.45 -15.61
C LEU B 343 41.05 -2.34 -16.30
N ARG B 344 42.33 -2.20 -15.95
CA ARG B 344 43.43 -3.01 -16.55
C ARG B 344 43.23 -4.46 -16.22
N ARG B 345 42.95 -4.69 -14.93
CA ARG B 345 42.71 -6.02 -14.43
C ARG B 345 41.53 -6.69 -15.16
N ALA B 346 40.42 -5.95 -15.34
CA ALA B 346 39.25 -6.52 -16.01
C ALA B 346 39.59 -6.80 -17.46
N SER B 347 40.32 -5.86 -18.08
CA SER B 347 40.73 -6.03 -19.48
C SER B 347 41.62 -7.24 -19.66
N ALA B 348 42.62 -7.37 -18.79
CA ALA B 348 43.55 -8.51 -18.85
C ALA B 348 42.83 -9.85 -18.61
N ALA B 349 41.92 -9.90 -17.65
CA ALA B 349 41.15 -11.13 -17.37
C ALA B 349 40.54 -11.72 -18.66
N ILE B 350 40.07 -10.83 -19.53
CA ILE B 350 39.49 -11.25 -20.78
C ILE B 350 40.59 -11.61 -21.74
N ASP B 351 41.52 -10.68 -21.97
CA ASP B 351 42.49 -10.83 -23.08
C ASP B 351 43.52 -11.93 -22.86
N THR B 352 43.75 -12.30 -21.60
CA THR B 352 44.59 -13.48 -21.31
C THR B 352 43.83 -14.79 -21.55
N GLY B 353 42.52 -14.71 -21.83
CA GLY B 353 41.70 -15.90 -21.87
C GLY B 353 41.17 -16.37 -20.51
N ALA B 354 41.65 -15.77 -19.41
CA ALA B 354 41.20 -16.18 -18.06
C ALA B 354 39.67 -16.21 -17.85
N ALA B 355 38.96 -15.18 -18.31
CA ALA B 355 37.50 -15.14 -18.10
C ALA B 355 36.80 -16.22 -18.91
N GLU B 356 37.22 -16.40 -20.16
CA GLU B 356 36.69 -17.49 -20.98
C GLU B 356 36.99 -18.85 -20.33
N GLN B 357 38.21 -19.04 -19.86
CA GLN B 357 38.56 -20.26 -19.12
C GLN B 357 37.80 -20.47 -17.81
N LEU B 358 37.56 -19.39 -17.07
CA LEU B 358 36.81 -19.51 -15.83
C LEU B 358 35.40 -20.02 -16.12
N LEU B 359 34.71 -19.46 -17.09
CA LEU B 359 33.39 -19.95 -17.40
C LEU B 359 33.48 -21.42 -17.75
N ALA B 360 34.47 -21.79 -18.56
CA ALA B 360 34.65 -23.19 -18.87
C ALA B 360 34.84 -24.02 -17.57
N ARG B 361 35.69 -23.59 -16.64
CA ARG B 361 35.85 -24.35 -15.37
C ARG B 361 34.54 -24.47 -14.56
N TRP B 362 33.76 -23.39 -14.59
CA TRP B 362 32.53 -23.28 -13.84
C TRP B 362 31.53 -24.28 -14.39
N VAL B 363 31.42 -24.29 -15.72
CA VAL B 363 30.61 -25.28 -16.41
C VAL B 363 31.12 -26.69 -16.09
N ARG B 364 32.42 -26.90 -16.20
CA ARG B 364 33.00 -28.20 -15.88
C ARG B 364 32.66 -28.68 -14.46
N PHE B 365 32.79 -27.78 -13.50
CA PHE B 365 32.50 -28.10 -12.11
C PHE B 365 31.05 -28.59 -11.93
N GLY B 366 30.09 -27.85 -12.48
CA GLY B 366 28.71 -28.28 -12.47
C GLY B 366 28.49 -29.67 -13.05
N ARG B 367 29.20 -29.98 -14.14
CA ARG B 367 29.04 -31.27 -14.80
C ARG B 367 29.62 -32.41 -13.95
N GLN B 368 30.56 -32.08 -13.07
CA GLN B 368 31.15 -33.04 -12.13
C GLN B 368 30.23 -33.49 -11.01
N ILE B 369 29.20 -32.69 -10.70
CA ILE B 369 28.34 -32.99 -9.57
C ILE B 369 27.81 -34.41 -9.70
N LEU B 370 27.22 -34.71 -10.86
CA LEU B 370 26.67 -36.04 -11.11
C LEU B 370 27.62 -37.18 -10.71
N GLU B 371 28.91 -37.06 -11.06
CA GLU B 371 29.97 -38.01 -10.64
C GLU B 371 30.04 -39.27 -11.49
C1 PRP C . -20.63 3.89 11.29
C2 PRP C . -20.09 2.49 11.03
C3 PRP C . -20.15 1.87 12.44
C4 PRP C . -20.06 3.05 13.38
C5 PRP C . -18.75 2.87 14.16
O1 PRP C . -22.07 3.79 11.27
O2 PRP C . -20.97 1.77 10.13
O3 PRP C . -21.43 1.26 12.71
O4 PRP C . -20.13 4.25 12.59
O5 PRP C . -17.62 2.88 13.28
P PRP C . -16.18 2.34 13.78
O1P PRP C . -15.33 2.18 12.43
O2P PRP C . -15.46 3.55 14.53
O3P PRP C . -16.25 1.03 14.47
PA PRP C . -23.05 4.87 11.94
O1A PRP C . -22.54 6.37 11.55
O2A PRP C . -24.43 4.58 11.48
O3A PRP C . -22.98 4.54 13.51
PB PRP C . -23.39 5.51 14.68
O1B PRP C . -24.94 5.22 15.01
O2B PRP C . -22.54 4.85 15.90
O3B PRP C . -23.03 6.94 14.47
MG MG D . -22.08 7.61 12.90
MG MG E . -19.30 8.41 15.49
CAA TA7 F . -19.98 -11.36 3.74
OAB TA7 F . -18.97 -4.60 5.30
OAC TA7 F . -18.76 -2.25 4.69
FAD TA7 F . -20.63 -1.62 1.85
FAE TA7 F . -20.97 -0.56 3.69
FAF TA7 F . -19.03 -0.38 2.72
CAG TA7 F . -19.19 -8.68 4.30
CAH TA7 F . -20.25 -8.04 2.21
CAI TA7 F . -19.14 -7.33 4.66
CAJ TA7 F . -20.19 -6.70 2.57
CAK TA7 F . -20.12 -3.78 3.39
OAL TA7 F . -19.85 -10.35 2.69
CAM TA7 F . -19.54 -4.88 4.24
CAN TA7 F . -19.56 -2.41 3.76
CAO TA7 F . -19.77 -9.04 3.09
CAP TA7 F . -19.63 -6.34 3.79
CAQ TA7 F . -20.05 -1.20 2.97
C1 PRP G . 18.94 -8.97 -11.32
C2 PRP G . 17.71 -9.88 -11.22
C3 PRP G . 17.60 -10.40 -12.67
C4 PRP G . 18.16 -9.26 -13.53
C5 PRP G . 17.07 -8.53 -14.38
O1 PRP G . 20.11 -9.82 -11.37
O2 PRP G . 17.97 -11.00 -10.27
O3 PRP G . 18.45 -11.51 -12.87
O4 PRP G . 18.82 -8.32 -12.61
O5 PRP G . 16.04 -8.01 -13.51
P PRP G . 14.55 -7.67 -14.08
O1P PRP G . 13.72 -7.06 -12.83
O2P PRP G . 14.77 -6.41 -15.05
O3P PRP G . 13.87 -8.82 -14.72
PA PRP G . 21.55 -9.48 -12.06
O1A PRP G . 21.95 -8.06 -11.61
O2A PRP G . 22.52 -10.53 -11.67
O3A PRP G . 21.33 -9.73 -13.64
PB PRP G . 22.17 -9.16 -14.82
O1B PRP G . 23.39 -10.22 -15.02
O2B PRP G . 21.05 -9.30 -16.01
O3B PRP G . 22.66 -7.81 -14.54
MG MG H . 22.60 -6.63 -13.07
MG MG I . 20.62 -4.62 -15.62
CAA TA7 J . 9.18 -20.56 -4.12
OAB TA7 J . 12.43 -14.47 -5.72
OAC TA7 J . 13.91 -12.64 -4.99
FAD TA7 J . 14.78 -11.42 -2.66
FAE TA7 J . 15.37 -13.42 -1.95
FAF TA7 J . 16.49 -12.44 -3.53
CAG TA7 J . 11.47 -18.04 -2.63
CAH TA7 J . 10.52 -18.21 -4.84
CAI TA7 J . 12.13 -16.87 -3.00
CAJ TA7 J . 11.18 -17.04 -5.20
CAK TA7 J . 13.94 -14.72 -3.84
OAL TA7 J . 10.02 -19.87 -3.15
CAM TA7 J . 12.73 -15.10 -4.68
CAN TA7 J . 14.33 -13.27 -4.03
CAO TA7 J . 10.66 -18.72 -3.55
CAP TA7 J . 11.98 -16.36 -4.29
CAQ TA7 J . 15.27 -12.62 -3.01
#